data_8EGY
#
_entry.id   8EGY
#
_cell.length_a   164.606
_cell.length_b   164.606
_cell.length_c   83.139
_cell.angle_alpha   90.000
_cell.angle_beta   90.000
_cell.angle_gamma   90.000
#
_symmetry.space_group_name_H-M   'I 4'
#
loop_
_entity.id
_entity.type
_entity.pdbx_description
1 polymer 'Engineered tyrosine synthase (TmTyrS1)'
2 non-polymer 'POTASSIUM ION'
3 non-polymer 1,2-ETHANEDIOL
4 non-polymer 'PHOSPHATE ION'
5 water water
#
_entity_poly.entity_id   1
_entity_poly.type   'polypeptide(L)'
_entity_poly.pdbx_seq_one_letter_code
;MKGNFGPYGGQNVPEILMGALEELEAAYEGIMKDESFWKEYNDLLRDYAGRPTPLYFARRLSEKYGARVYLKREDLLHTG
AH(LLP)INNAIGQVLLAKLMGKTRITAGTGAGQHGVATATAAALFGMECVIYMGEEDTIRQKLNVERMKLLGAKVVPVK
SGSRTLKDAIDEALRDWITNLQTTYYVPGSVVGPHPYPIIVRNFQKVIGEETKKQIPEKEGRLPDYIVACVSGGSNAAGI
FYPFIDSGVKLIGVEAGGEGLETGKHAASLLKGKIGYLHGSKTFVLQDDWGQVQASHSVSAGLDYPGVGPEHAYWRETGK
VLYDAVTDEEALDAFIELSRLEGIIPALESSHALAYLKKINIKGKVVVVNLSGRGDKDLESVLNHPYVRERIHLEHHHHH
H
;
_entity_poly.pdbx_strand_id   A,B
#
loop_
_chem_comp.id
_chem_comp.type
_chem_comp.name
_chem_comp.formula
EDO non-polymer 1,2-ETHANEDIOL 'C2 H6 O2'
K non-polymer 'POTASSIUM ION' 'K 1'
PO4 non-polymer 'PHOSPHATE ION' 'O4 P -3'
#
# COMPACT_ATOMS: atom_id res chain seq x y z
N GLY A 3 -3.23 -6.53 -35.25
CA GLY A 3 -2.76 -7.07 -33.99
C GLY A 3 -1.39 -7.71 -34.10
N ASN A 4 -0.60 -7.27 -35.06
CA ASN A 4 0.74 -7.79 -35.31
C ASN A 4 1.77 -6.71 -35.03
N PHE A 5 2.74 -7.04 -34.17
CA PHE A 5 3.89 -6.18 -33.93
C PHE A 5 5.04 -6.74 -34.77
N GLY A 6 5.04 -6.38 -36.04
CA GLY A 6 5.92 -7.00 -37.00
C GLY A 6 5.49 -8.43 -37.25
N PRO A 7 6.39 -9.39 -37.05
CA PRO A 7 6.03 -10.80 -37.22
C PRO A 7 5.38 -11.42 -35.99
N TYR A 8 5.29 -10.70 -34.88
CA TYR A 8 4.80 -11.24 -33.63
C TYR A 8 3.37 -10.81 -33.35
N GLY A 9 2.72 -11.53 -32.46
CA GLY A 9 1.35 -11.23 -32.07
C GLY A 9 0.36 -12.21 -32.66
N GLY A 10 -0.69 -11.69 -33.27
CA GLY A 10 -1.68 -12.54 -33.93
C GLY A 10 -2.72 -13.07 -32.97
N GLN A 11 -3.55 -13.97 -33.50
CA GLN A 11 -4.61 -14.64 -32.74
C GLN A 11 -4.48 -16.14 -32.98
N ASN A 12 -3.51 -16.76 -32.31
CA ASN A 12 -3.26 -18.20 -32.47
C ASN A 12 -4.02 -18.93 -31.38
N VAL A 13 -5.30 -19.16 -31.65
CA VAL A 13 -6.24 -19.68 -30.66
C VAL A 13 -7.10 -20.76 -31.30
N PRO A 14 -7.79 -21.56 -30.50
CA PRO A 14 -8.85 -22.41 -31.04
C PRO A 14 -9.91 -21.57 -31.75
N GLU A 15 -10.49 -22.16 -32.80
CA GLU A 15 -11.40 -21.41 -33.66
C GLU A 15 -12.64 -20.96 -32.90
N ILE A 16 -13.02 -21.68 -31.85
CA ILE A 16 -14.22 -21.31 -31.10
C ILE A 16 -14.03 -20.00 -30.34
N LEU A 17 -12.80 -19.56 -30.13
CA LEU A 17 -12.53 -18.30 -29.44
C LEU A 17 -12.54 -17.11 -30.39
N MET A 18 -12.63 -17.33 -31.69
CA MET A 18 -12.56 -16.22 -32.65
C MET A 18 -13.76 -15.28 -32.49
N GLY A 19 -14.93 -15.83 -32.21
CA GLY A 19 -16.11 -14.97 -32.03
C GLY A 19 -15.98 -14.08 -30.80
N ALA A 20 -15.42 -14.61 -29.72
CA ALA A 20 -15.24 -13.80 -28.52
C ALA A 20 -14.16 -12.74 -28.72
N LEU A 21 -13.10 -13.07 -29.46
CA LEU A 21 -12.05 -12.10 -29.72
C LEU A 21 -12.54 -10.97 -30.62
N GLU A 22 -13.34 -11.31 -31.64
CA GLU A 22 -13.88 -10.29 -32.53
C GLU A 22 -14.92 -9.43 -31.80
N GLU A 23 -15.69 -10.05 -30.90
CA GLU A 23 -16.63 -9.29 -30.08
C GLU A 23 -15.89 -8.36 -29.12
N LEU A 24 -14.79 -8.84 -28.54
CA LEU A 24 -13.99 -8.00 -27.66
C LEU A 24 -13.32 -6.87 -28.44
N GLU A 25 -12.81 -7.16 -29.64
CA GLU A 25 -12.15 -6.13 -30.44
C GLU A 25 -13.14 -5.05 -30.85
N ALA A 26 -14.37 -5.43 -31.19
CA ALA A 26 -15.38 -4.43 -31.56
C ALA A 26 -15.81 -3.62 -30.36
N ALA A 27 -15.97 -4.26 -29.20
CA ALA A 27 -16.36 -3.53 -28.00
C ALA A 27 -15.27 -2.58 -27.54
N TYR A 28 -14.00 -3.01 -27.64
CA TYR A 28 -12.91 -2.15 -27.24
C TYR A 28 -12.72 -0.98 -28.20
N GLU A 29 -12.97 -1.20 -29.50
CA GLU A 29 -12.90 -0.12 -30.46
C GLU A 29 -13.99 0.92 -30.26
N GLY A 30 -15.11 0.52 -29.64
CA GLY A 30 -16.17 1.48 -29.39
C GLY A 30 -15.85 2.42 -28.24
N ILE A 31 -15.24 1.89 -27.17
CA ILE A 31 -14.89 2.72 -26.02
C ILE A 31 -13.67 3.60 -26.28
N MET A 32 -13.00 3.43 -27.42
CA MET A 32 -11.82 4.24 -27.72
C MET A 32 -12.17 5.72 -27.83
N LYS A 33 -13.38 6.03 -28.30
CA LYS A 33 -13.85 7.41 -28.36
C LYS A 33 -14.87 7.74 -27.29
N ASP A 34 -15.39 6.74 -26.57
CA ASP A 34 -16.42 6.95 -25.57
C ASP A 34 -15.90 7.80 -24.41
N GLU A 35 -16.40 9.03 -24.31
CA GLU A 35 -15.96 9.92 -23.24
C GLU A 35 -16.38 9.40 -21.87
N SER A 36 -17.51 8.70 -21.80
CA SER A 36 -18.01 8.22 -20.51
C SER A 36 -17.10 7.14 -19.92
N PHE A 37 -16.63 6.21 -20.75
CA PHE A 37 -15.78 5.14 -20.27
C PHE A 37 -14.51 5.69 -19.62
N TRP A 38 -13.78 6.53 -20.35
CA TRP A 38 -12.52 7.06 -19.84
C TRP A 38 -12.73 8.03 -18.68
N LYS A 39 -13.95 8.54 -18.50
CA LYS A 39 -14.23 9.37 -17.33
C LYS A 39 -14.44 8.50 -16.09
N GLU A 40 -15.21 7.43 -16.22
CA GLU A 40 -15.39 6.50 -15.10
C GLU A 40 -14.10 5.77 -14.78
N TYR A 41 -13.30 5.46 -15.80
CA TYR A 41 -12.06 4.73 -15.57
C TYR A 41 -11.01 5.63 -14.92
N ASN A 42 -10.84 6.85 -15.43
CA ASN A 42 -9.83 7.74 -14.87
C ASN A 42 -10.23 8.25 -13.50
N ASP A 43 -11.54 8.40 -13.23
CA ASP A 43 -11.98 8.76 -11.89
C ASP A 43 -11.69 7.63 -10.90
N LEU A 44 -11.75 6.39 -11.35
CA LEU A 44 -11.39 5.26 -10.49
C LEU A 44 -9.89 5.16 -10.31
N LEU A 45 -9.11 5.45 -11.36
CA LEU A 45 -7.67 5.45 -11.22
C LEU A 45 -7.21 6.47 -10.19
N ARG A 46 -7.90 7.61 -10.11
CA ARG A 46 -7.53 8.65 -9.16
C ARG A 46 -8.03 8.33 -7.76
N ASP A 47 -9.33 8.07 -7.62
CA ASP A 47 -9.91 7.94 -6.28
C ASP A 47 -9.77 6.53 -5.71
N TYR A 48 -9.83 5.50 -6.56
CA TYR A 48 -9.81 4.12 -6.07
C TYR A 48 -8.39 3.55 -6.03
N ALA A 49 -7.60 3.78 -7.08
CA ALA A 49 -6.25 3.25 -7.14
C ALA A 49 -5.20 4.17 -6.53
N GLY A 50 -5.40 5.49 -6.64
CA GLY A 50 -4.47 6.45 -6.12
C GLY A 50 -3.62 7.18 -7.15
N ARG A 51 -4.01 7.16 -8.42
CA ARG A 51 -3.24 7.85 -9.44
C ARG A 51 -3.48 9.36 -9.35
N PRO A 52 -2.49 10.16 -9.76
CA PRO A 52 -1.17 9.80 -10.29
C PRO A 52 -0.18 9.38 -9.20
N THR A 53 0.65 8.40 -9.49
CA THR A 53 1.70 8.03 -8.56
C THR A 53 2.89 8.98 -8.71
N PRO A 54 3.58 9.30 -7.62
CA PRO A 54 4.65 10.30 -7.69
C PRO A 54 5.93 9.73 -8.28
N LEU A 55 6.76 10.65 -8.77
CA LEU A 55 8.12 10.35 -9.20
C LEU A 55 9.06 10.79 -8.08
N TYR A 56 9.59 9.82 -7.35
CA TYR A 56 10.32 10.07 -6.12
C TYR A 56 11.83 10.07 -6.37
N PHE A 57 12.50 11.14 -5.94
CA PHE A 57 13.96 11.22 -6.03
C PHE A 57 14.58 10.47 -4.86
N ALA A 58 15.19 9.33 -5.15
CA ALA A 58 15.85 8.52 -4.11
C ALA A 58 17.23 9.13 -3.88
N ARG A 59 17.33 10.00 -2.88
CA ARG A 59 18.56 10.75 -2.64
C ARG A 59 19.70 9.82 -2.22
N ARG A 60 19.46 8.95 -1.24
CA ARG A 60 20.53 8.07 -0.76
C ARG A 60 20.93 7.05 -1.81
N LEU A 61 19.95 6.53 -2.56
CA LEU A 61 20.27 5.63 -3.66
C LEU A 61 21.05 6.36 -4.75
N SER A 62 20.69 7.62 -5.00
CA SER A 62 21.39 8.41 -6.01
C SER A 62 22.84 8.67 -5.60
N GLU A 63 23.07 8.95 -4.32
CA GLU A 63 24.42 9.23 -3.86
C GLU A 63 25.32 8.01 -3.94
N LYS A 64 24.77 6.82 -3.74
CA LYS A 64 25.58 5.60 -3.81
C LYS A 64 26.12 5.37 -5.22
N TYR A 65 25.32 5.64 -6.23
CA TYR A 65 25.69 5.38 -7.62
C TYR A 65 26.18 6.61 -8.35
N GLY A 66 26.31 7.75 -7.67
CA GLY A 66 26.74 8.97 -8.32
C GLY A 66 25.82 9.42 -9.43
N ALA A 67 24.53 9.17 -9.31
CA ALA A 67 23.57 9.48 -10.36
C ALA A 67 22.39 10.27 -9.82
N ARG A 68 21.35 10.42 -10.64
CA ARG A 68 20.10 11.05 -10.25
C ARG A 68 19.00 10.02 -10.53
N VAL A 69 18.69 9.20 -9.54
CA VAL A 69 17.80 8.06 -9.70
C VAL A 69 16.42 8.44 -9.19
N TYR A 70 15.41 8.29 -10.05
CA TYR A 70 14.02 8.54 -9.71
C TYR A 70 13.25 7.23 -9.75
N LEU A 71 12.31 7.08 -8.83
CA LEU A 71 11.49 5.87 -8.72
C LEU A 71 10.04 6.23 -9.04
N LYS A 72 9.49 5.61 -10.08
CA LYS A 72 8.07 5.72 -10.39
C LYS A 72 7.32 4.82 -9.42
N ARG A 73 6.54 5.44 -8.53
CA ARG A 73 6.05 4.76 -7.32
C ARG A 73 4.72 4.06 -7.59
N GLU A 74 4.77 3.04 -8.46
CA GLU A 74 3.60 2.20 -8.66
C GLU A 74 3.30 1.33 -7.45
N ASP A 75 4.23 1.20 -6.51
CA ASP A 75 3.99 0.49 -5.26
C ASP A 75 2.96 1.19 -4.38
N LEU A 76 2.64 2.45 -4.65
CA LEU A 76 1.70 3.22 -3.86
C LEU A 76 0.26 3.06 -4.31
N LEU A 77 0.00 2.20 -5.29
CA LEU A 77 -1.35 1.98 -5.78
C LEU A 77 -2.12 1.07 -4.84
N HIS A 78 -3.44 1.09 -4.98
CA HIS A 78 -4.27 0.10 -4.31
C HIS A 78 -3.89 -1.30 -4.77
N THR A 79 -3.96 -2.26 -3.83
CA THR A 79 -3.46 -3.63 -4.00
C THR A 79 -1.93 -3.67 -4.08
N GLY A 80 -1.30 -2.54 -4.34
CA GLY A 80 0.14 -2.42 -4.22
C GLY A 80 0.94 -2.80 -5.44
N ALA A 81 0.33 -2.81 -6.63
CA ALA A 81 1.07 -3.13 -7.84
C ALA A 81 0.36 -2.52 -9.04
N HIS A 82 1.08 -2.47 -10.15
CA HIS A 82 0.57 -1.88 -11.39
C HIS A 82 -0.60 -2.69 -11.96
N1 LLP A 83 6.02 -6.35 -11.09
C2 LLP A 83 5.08 -6.61 -10.19
C2' LLP A 83 5.00 -5.79 -8.86
C3 LLP A 83 4.14 -7.65 -10.41
O3 LLP A 83 3.16 -7.93 -9.46
C4 LLP A 83 4.20 -8.39 -11.57
C4' LLP A 83 3.11 -9.56 -11.79
C5 LLP A 83 5.15 -8.13 -12.51
C6 LLP A 83 6.08 -7.10 -12.28
C5' LLP A 83 5.23 -8.95 -13.83
OP4 LLP A 83 4.20 -8.57 -14.71
P LLP A 83 4.56 -7.75 -15.97
OP1 LLP A 83 3.47 -7.90 -16.96
OP2 LLP A 83 4.71 -6.32 -15.61
OP3 LLP A 83 5.87 -8.26 -16.58
N LLP A 83 -0.72 -3.95 -11.51
CA LLP A 83 -1.75 -4.86 -12.01
CB LLP A 83 -1.63 -6.19 -11.32
CG LLP A 83 -0.39 -6.94 -11.82
CD LLP A 83 -0.34 -8.34 -11.18
CE LLP A 83 0.76 -9.18 -11.87
NZ LLP A 83 1.94 -9.29 -11.01
C LLP A 83 -3.12 -4.31 -11.82
O LLP A 83 -4.04 -4.68 -12.54
N ILE A 84 -3.28 -3.40 -10.86
CA ILE A 84 -4.58 -2.80 -10.58
C ILE A 84 -5.03 -1.90 -11.72
N ASN A 85 -4.07 -1.31 -12.46
CA ASN A 85 -4.43 -0.47 -13.59
C ASN A 85 -5.13 -1.28 -14.67
N ASN A 86 -4.61 -2.48 -14.97
CA ASN A 86 -5.21 -3.31 -16.01
C ASN A 86 -6.46 -4.01 -15.51
N ALA A 87 -6.49 -4.39 -14.23
CA ALA A 87 -7.63 -5.14 -13.70
C ALA A 87 -8.89 -4.29 -13.66
N ILE A 88 -8.74 -2.99 -13.33
CA ILE A 88 -9.91 -2.12 -13.24
C ILE A 88 -10.50 -1.89 -14.62
N GLY A 89 -9.67 -1.56 -15.60
CA GLY A 89 -10.18 -1.23 -16.92
C GLY A 89 -10.77 -2.41 -17.66
N GLN A 90 -10.30 -3.63 -17.38
CA GLN A 90 -10.80 -4.80 -18.08
C GLN A 90 -12.10 -5.31 -17.46
N VAL A 91 -12.19 -5.33 -16.13
CA VAL A 91 -13.44 -5.70 -15.49
C VAL A 91 -14.51 -4.64 -15.79
N LEU A 92 -14.12 -3.37 -15.92
CA LEU A 92 -15.06 -2.35 -16.33
C LEU A 92 -15.54 -2.59 -17.76
N LEU A 93 -14.61 -2.92 -18.66
CA LEU A 93 -14.99 -3.28 -20.02
C LEU A 93 -15.90 -4.51 -20.02
N ALA A 94 -15.64 -5.46 -19.13
CA ALA A 94 -16.45 -6.67 -19.05
C ALA A 94 -17.89 -6.33 -18.65
N LYS A 95 -18.04 -5.49 -17.62
CA LYS A 95 -19.38 -5.10 -17.17
C LYS A 95 -20.12 -4.33 -18.26
N LEU A 96 -19.39 -3.49 -19.02
CA LEU A 96 -20.02 -2.74 -20.09
C LEU A 96 -20.43 -3.65 -21.25
N MET A 97 -19.71 -4.75 -21.46
CA MET A 97 -20.06 -5.71 -22.50
C MET A 97 -21.19 -6.65 -22.09
N GLY A 98 -21.76 -6.48 -20.91
CA GLY A 98 -22.83 -7.34 -20.45
C GLY A 98 -22.38 -8.64 -19.80
N LYS A 99 -21.09 -8.88 -19.68
CA LYS A 99 -20.60 -10.08 -19.03
C LYS A 99 -20.92 -10.05 -17.54
N THR A 100 -21.15 -11.24 -16.97
CA THR A 100 -21.51 -11.38 -15.58
C THR A 100 -20.52 -12.21 -14.78
N ARG A 101 -19.42 -12.64 -15.37
CA ARG A 101 -18.47 -13.52 -14.71
C ARG A 101 -17.06 -13.17 -15.15
N ILE A 102 -16.13 -13.21 -14.21
CA ILE A 102 -14.73 -12.87 -14.46
C ILE A 102 -13.88 -14.08 -14.08
N THR A 103 -12.94 -14.43 -14.96
CA THR A 103 -11.98 -15.48 -14.68
C THR A 103 -10.58 -15.01 -15.06
N ALA A 104 -9.58 -15.57 -14.39
CA ALA A 104 -8.19 -15.22 -14.63
C ALA A 104 -7.31 -16.24 -13.93
N GLY A 105 -6.05 -16.29 -14.35
CA GLY A 105 -5.06 -17.18 -13.77
C GLY A 105 -4.01 -16.38 -13.01
N THR A 106 -3.42 -17.02 -11.99
CA THR A 106 -2.40 -16.35 -11.19
C THR A 106 -1.47 -17.40 -10.61
N GLY A 107 -0.21 -17.01 -10.40
CA GLY A 107 0.78 -17.89 -9.82
C GLY A 107 0.78 -17.85 -8.30
N ALA A 108 1.35 -16.78 -7.75
CA ALA A 108 1.34 -16.55 -6.30
C ALA A 108 0.05 -15.93 -5.81
N GLY A 109 -0.65 -15.17 -6.64
CA GLY A 109 -1.93 -14.60 -6.24
C GLY A 109 -2.03 -13.10 -6.44
N GLN A 110 -0.98 -12.49 -7.01
CA GLN A 110 -0.98 -11.04 -7.18
C GLN A 110 -2.04 -10.59 -8.17
N HIS A 111 -2.01 -11.16 -9.39
CA HIS A 111 -3.03 -10.82 -10.37
C HIS A 111 -4.41 -11.31 -9.93
N GLY A 112 -4.47 -12.40 -9.16
CA GLY A 112 -5.74 -12.86 -8.65
C GLY A 112 -6.36 -11.88 -7.67
N VAL A 113 -5.53 -11.24 -6.85
CA VAL A 113 -6.05 -10.25 -5.91
C VAL A 113 -6.49 -8.99 -6.65
N ALA A 114 -5.68 -8.53 -7.61
CA ALA A 114 -6.05 -7.34 -8.37
C ALA A 114 -7.32 -7.57 -9.17
N THR A 115 -7.50 -8.78 -9.70
CA THR A 115 -8.72 -9.09 -10.45
C THR A 115 -9.92 -9.21 -9.52
N ALA A 116 -9.75 -9.91 -8.39
CA ALA A 116 -10.84 -10.04 -7.42
C ALA A 116 -11.23 -8.69 -6.83
N THR A 117 -10.27 -7.77 -6.73
CA THR A 117 -10.56 -6.44 -6.20
C THR A 117 -11.48 -5.67 -7.16
N ALA A 118 -11.14 -5.66 -8.45
CA ALA A 118 -11.99 -4.99 -9.42
C ALA A 118 -13.34 -5.69 -9.57
N ALA A 119 -13.38 -7.01 -9.39
CA ALA A 119 -14.64 -7.73 -9.49
C ALA A 119 -15.58 -7.37 -8.33
N ALA A 120 -15.04 -7.24 -7.12
CA ALA A 120 -15.84 -6.80 -5.99
C ALA A 120 -16.27 -5.36 -6.14
N LEU A 121 -15.42 -4.52 -6.72
CA LEU A 121 -15.79 -3.12 -6.95
C LEU A 121 -16.97 -2.99 -7.89
N PHE A 122 -17.00 -3.82 -8.93
CA PHE A 122 -18.07 -3.80 -9.92
C PHE A 122 -19.15 -4.85 -9.64
N GLY A 123 -19.02 -5.60 -8.55
CA GLY A 123 -20.02 -6.57 -8.16
C GLY A 123 -20.27 -7.68 -9.17
N MET A 124 -19.19 -8.29 -9.65
CA MET A 124 -19.28 -9.37 -10.63
C MET A 124 -18.72 -10.65 -10.04
N GLU A 125 -19.23 -11.78 -10.52
CA GLU A 125 -18.68 -13.07 -10.11
C GLU A 125 -17.23 -13.18 -10.54
N CYS A 126 -16.42 -13.86 -9.72
CA CYS A 126 -14.99 -13.96 -9.96
C CYS A 126 -14.50 -15.34 -9.56
N VAL A 127 -13.89 -16.04 -10.51
CA VAL A 127 -13.28 -17.34 -10.27
C VAL A 127 -11.82 -17.25 -10.67
N ILE A 128 -10.92 -17.45 -9.71
CA ILE A 128 -9.49 -17.31 -9.92
C ILE A 128 -8.86 -18.69 -9.84
N TYR A 129 -8.01 -19.01 -10.83
CA TYR A 129 -7.25 -20.24 -10.84
C TYR A 129 -5.82 -19.92 -10.42
N MET A 130 -5.35 -20.58 -9.36
CA MET A 130 -4.09 -20.23 -8.73
C MET A 130 -3.19 -21.45 -8.65
N GLY A 131 -1.91 -21.26 -8.98
CA GLY A 131 -0.93 -22.30 -8.81
C GLY A 131 -0.65 -22.57 -7.34
N GLU A 132 0.19 -23.57 -7.10
CA GLU A 132 0.50 -24.00 -5.75
C GLU A 132 1.88 -23.50 -5.33
N GLU A 133 1.94 -22.85 -4.17
CA GLU A 133 3.20 -22.49 -3.54
C GLU A 133 2.96 -22.43 -2.03
N ASP A 134 3.92 -22.96 -1.27
CA ASP A 134 3.76 -23.10 0.18
C ASP A 134 4.42 -21.90 0.85
N THR A 135 3.71 -20.77 0.83
CA THR A 135 4.20 -19.52 1.39
C THR A 135 3.09 -18.83 2.18
N ILE A 136 3.50 -17.97 3.10
CA ILE A 136 2.54 -17.12 3.79
C ILE A 136 1.96 -16.09 2.81
N ARG A 137 2.72 -15.73 1.78
CA ARG A 137 2.22 -14.79 0.78
C ARG A 137 1.00 -15.35 0.06
N GLN A 138 1.10 -16.59 -0.45
CA GLN A 138 -0.02 -17.19 -1.13
C GLN A 138 -1.19 -17.43 -0.19
N LYS A 139 -0.89 -17.86 1.04
CA LYS A 139 -1.95 -18.04 2.03
C LYS A 139 -2.68 -16.72 2.31
N LEU A 140 -1.94 -15.61 2.32
CA LEU A 140 -2.57 -14.30 2.48
C LEU A 140 -3.40 -13.95 1.25
N ASN A 141 -2.91 -14.28 0.05
CA ASN A 141 -3.65 -13.97 -1.17
C ASN A 141 -4.93 -14.79 -1.25
N VAL A 142 -4.90 -16.04 -0.79
CA VAL A 142 -6.10 -16.85 -0.73
C VAL A 142 -7.13 -16.19 0.19
N GLU A 143 -6.68 -15.73 1.35
CA GLU A 143 -7.57 -15.06 2.29
C GLU A 143 -8.03 -13.71 1.75
N ARG A 144 -7.17 -13.02 1.00
CA ARG A 144 -7.58 -11.78 0.35
C ARG A 144 -8.71 -12.03 -0.64
N MET A 145 -8.51 -12.98 -1.57
CA MET A 145 -9.49 -13.23 -2.61
C MET A 145 -10.80 -13.77 -2.03
N LYS A 146 -10.71 -14.60 -0.99
CA LYS A 146 -11.93 -15.07 -0.34
C LYS A 146 -12.63 -13.94 0.41
N LEU A 147 -11.87 -12.97 0.92
CA LEU A 147 -12.48 -11.81 1.55
C LEU A 147 -13.13 -10.90 0.51
N LEU A 148 -12.53 -10.80 -0.68
CA LEU A 148 -13.07 -9.98 -1.75
C LEU A 148 -14.26 -10.62 -2.45
N GLY A 149 -14.57 -11.88 -2.13
CA GLY A 149 -15.74 -12.54 -2.69
C GLY A 149 -15.48 -13.40 -3.90
N ALA A 150 -14.23 -13.68 -4.23
CA ALA A 150 -13.90 -14.46 -5.41
C ALA A 150 -13.71 -15.94 -5.03
N LYS A 151 -13.91 -16.80 -6.03
CA LYS A 151 -13.69 -18.23 -5.87
C LYS A 151 -12.29 -18.58 -6.32
N VAL A 152 -11.57 -19.33 -5.49
CA VAL A 152 -10.19 -19.72 -5.76
C VAL A 152 -10.17 -21.23 -6.03
N VAL A 153 -9.71 -21.60 -7.22
CA VAL A 153 -9.62 -23.00 -7.63
C VAL A 153 -8.14 -23.38 -7.63
N PRO A 154 -7.67 -24.18 -6.67
CA PRO A 154 -6.27 -24.62 -6.68
C PRO A 154 -5.97 -25.43 -7.94
N VAL A 155 -4.99 -24.96 -8.71
CA VAL A 155 -4.61 -25.61 -9.95
C VAL A 155 -3.76 -26.82 -9.65
N LYS A 156 -4.18 -27.98 -10.18
CA LYS A 156 -3.45 -29.23 -10.00
C LYS A 156 -2.80 -29.73 -11.28
N SER A 157 -2.93 -28.99 -12.39
CA SER A 157 -2.39 -29.41 -13.67
C SER A 157 -0.93 -29.02 -13.81
N GLY A 158 -0.18 -29.84 -14.55
CA GLY A 158 1.22 -29.56 -14.78
C GLY A 158 2.02 -29.50 -13.49
N SER A 159 2.96 -28.56 -13.44
CA SER A 159 3.72 -28.29 -12.23
C SER A 159 3.05 -27.26 -11.33
N ARG A 160 1.79 -26.90 -11.63
CA ARG A 160 1.02 -25.96 -10.82
C ARG A 160 1.72 -24.61 -10.73
N THR A 161 2.10 -24.08 -11.89
CA THR A 161 2.77 -22.79 -12.00
C THR A 161 1.77 -21.74 -12.49
N LEU A 162 2.28 -20.53 -12.76
CA LEU A 162 1.44 -19.50 -13.36
C LEU A 162 0.95 -19.92 -14.74
N LYS A 163 1.84 -20.52 -15.54
CA LYS A 163 1.44 -21.00 -16.85
C LYS A 163 0.32 -22.03 -16.76
N ASP A 164 0.42 -22.94 -15.79
CA ASP A 164 -0.64 -23.94 -15.61
C ASP A 164 -1.93 -23.29 -15.13
N ALA A 165 -1.83 -22.24 -14.30
CA ALA A 165 -3.02 -21.54 -13.86
C ALA A 165 -3.70 -20.82 -15.01
N ILE A 166 -2.90 -20.20 -15.89
CA ILE A 166 -3.47 -19.56 -17.08
C ILE A 166 -4.10 -20.60 -17.99
N ASP A 167 -3.50 -21.79 -18.06
CA ASP A 167 -4.08 -22.86 -18.86
C ASP A 167 -5.47 -23.23 -18.35
N GLU A 168 -5.62 -23.39 -17.03
CA GLU A 168 -6.91 -23.74 -16.46
C GLU A 168 -7.91 -22.60 -16.62
N ALA A 169 -7.45 -21.36 -16.46
CA ALA A 169 -8.36 -20.22 -16.62
C ALA A 169 -8.85 -20.10 -18.05
N LEU A 170 -8.00 -20.43 -19.03
CA LEU A 170 -8.42 -20.39 -20.42
C LEU A 170 -9.42 -21.49 -20.74
N ARG A 171 -9.26 -22.67 -20.14
CA ARG A 171 -10.25 -23.72 -20.29
C ARG A 171 -11.57 -23.33 -19.64
N ASP A 172 -11.51 -22.63 -18.51
CA ASP A 172 -12.72 -22.10 -17.90
C ASP A 172 -13.40 -21.10 -18.83
N TRP A 173 -12.62 -20.23 -19.46
CA TRP A 173 -13.18 -19.22 -20.36
C TRP A 173 -13.88 -19.88 -21.55
N ILE A 174 -13.26 -20.91 -22.13
CA ILE A 174 -13.82 -21.54 -23.33
C ILE A 174 -15.13 -22.25 -22.99
N THR A 175 -15.20 -22.89 -21.82
CA THR A 175 -16.39 -23.61 -21.41
C THR A 175 -17.44 -22.71 -20.75
N ASN A 176 -17.20 -21.40 -20.68
CA ASN A 176 -18.14 -20.45 -20.09
C ASN A 176 -18.19 -19.17 -20.92
N LEU A 177 -18.09 -19.30 -22.24
CA LEU A 177 -17.96 -18.14 -23.11
C LEU A 177 -19.19 -17.23 -23.07
N GLN A 178 -20.35 -17.76 -22.69
CA GLN A 178 -21.56 -16.96 -22.69
C GLN A 178 -21.52 -15.88 -21.61
N THR A 179 -20.97 -16.20 -20.44
CA THR A 179 -21.04 -15.31 -19.29
C THR A 179 -19.70 -14.77 -18.82
N THR A 180 -18.58 -15.35 -19.25
CA THR A 180 -17.29 -15.09 -18.64
C THR A 180 -16.41 -14.21 -19.53
N TYR A 181 -15.78 -13.23 -18.90
CA TYR A 181 -14.74 -12.41 -19.51
C TYR A 181 -13.40 -12.82 -18.94
N TYR A 182 -12.42 -13.03 -19.81
CA TYR A 182 -11.09 -13.44 -19.39
C TYR A 182 -10.20 -12.21 -19.24
N VAL A 183 -9.55 -12.10 -18.08
CA VAL A 183 -8.68 -10.97 -17.76
C VAL A 183 -7.24 -11.49 -17.75
N PRO A 184 -6.43 -11.18 -18.77
CA PRO A 184 -5.02 -11.56 -18.73
C PRO A 184 -4.24 -10.65 -17.80
N GLY A 185 -3.20 -11.23 -17.19
CA GLY A 185 -2.41 -10.49 -16.22
C GLY A 185 -1.32 -9.63 -16.83
N SER A 186 -0.95 -9.88 -18.09
CA SER A 186 0.15 -9.17 -18.72
C SER A 186 -0.22 -8.89 -20.18
N VAL A 187 0.79 -8.51 -20.97
CA VAL A 187 0.59 -8.17 -22.37
C VAL A 187 0.81 -9.39 -23.23
N VAL A 188 0.56 -10.57 -22.67
CA VAL A 188 0.67 -11.84 -23.38
C VAL A 188 -0.74 -12.35 -23.64
N GLY A 189 -1.04 -12.69 -24.88
CA GLY A 189 -2.34 -13.21 -25.25
C GLY A 189 -2.69 -12.90 -26.69
N PRO A 190 -3.84 -13.41 -27.14
CA PRO A 190 -4.26 -13.12 -28.51
C PRO A 190 -4.76 -11.70 -28.65
N HIS A 191 -4.63 -11.16 -29.85
CA HIS A 191 -5.17 -9.84 -30.15
C HIS A 191 -6.67 -9.84 -29.87
N PRO A 192 -7.21 -8.76 -29.29
CA PRO A 192 -6.57 -7.48 -28.95
C PRO A 192 -6.08 -7.38 -27.51
N TYR A 193 -5.84 -8.48 -26.81
CA TYR A 193 -5.44 -8.40 -25.41
C TYR A 193 -4.11 -7.68 -25.20
N PRO A 194 -3.04 -7.92 -25.97
CA PRO A 194 -1.81 -7.16 -25.74
C PRO A 194 -1.98 -5.65 -25.92
N ILE A 195 -2.84 -5.22 -26.84
CA ILE A 195 -3.08 -3.79 -27.02
C ILE A 195 -3.91 -3.25 -25.87
N ILE A 196 -4.90 -4.02 -25.40
CA ILE A 196 -5.77 -3.57 -24.32
C ILE A 196 -4.97 -3.38 -23.04
N VAL A 197 -4.14 -4.35 -22.69
CA VAL A 197 -3.38 -4.28 -21.45
C VAL A 197 -2.38 -3.13 -21.50
N ARG A 198 -1.65 -3.02 -22.61
CA ARG A 198 -0.65 -1.95 -22.74
C ARG A 198 -1.31 -0.58 -22.69
N ASN A 199 -2.47 -0.42 -23.34
CA ASN A 199 -3.16 0.87 -23.33
C ASN A 199 -3.70 1.22 -21.96
N PHE A 200 -3.94 0.23 -21.10
CA PHE A 200 -4.34 0.51 -19.72
C PHE A 200 -3.15 0.80 -18.83
N GLN A 201 -1.95 0.35 -19.20
CA GLN A 201 -0.75 0.55 -18.40
C GLN A 201 0.07 1.76 -18.85
N LYS A 202 -0.15 2.25 -20.06
CA LYS A 202 0.65 3.36 -20.57
C LYS A 202 0.42 4.66 -19.82
N VAL A 203 -0.56 4.70 -18.90
CA VAL A 203 -0.71 5.86 -18.04
C VAL A 203 0.53 6.04 -17.17
N ILE A 204 1.25 4.96 -16.89
CA ILE A 204 2.50 5.05 -16.13
C ILE A 204 3.51 5.90 -16.89
N GLY A 205 3.76 5.55 -18.15
CA GLY A 205 4.72 6.31 -18.94
C GLY A 205 4.24 7.71 -19.26
N GLU A 206 2.93 7.90 -19.42
CA GLU A 206 2.40 9.23 -19.68
C GLU A 206 2.60 10.14 -18.47
N GLU A 207 2.24 9.66 -17.28
CA GLU A 207 2.51 10.42 -16.06
C GLU A 207 4.01 10.71 -15.91
N THR A 208 4.85 9.72 -16.20
CA THR A 208 6.30 9.90 -16.08
C THR A 208 6.80 10.99 -17.01
N LYS A 209 6.26 11.03 -18.24
CA LYS A 209 6.73 12.02 -19.22
C LYS A 209 6.44 13.44 -18.77
N LYS A 210 5.40 13.65 -17.97
CA LYS A 210 5.06 14.99 -17.48
C LYS A 210 5.83 15.35 -16.20
N GLN A 211 6.20 14.36 -15.39
CA GLN A 211 6.84 14.61 -14.10
C GLN A 211 8.34 14.82 -14.20
N ILE A 212 9.02 14.13 -15.11
CA ILE A 212 10.49 14.19 -15.17
C ILE A 212 11.01 15.56 -15.62
N PRO A 213 10.35 16.32 -16.51
CA PRO A 213 10.89 17.66 -16.80
C PRO A 213 10.76 18.61 -15.64
N GLU A 214 9.77 18.41 -14.76
CA GLU A 214 9.65 19.23 -13.57
C GLU A 214 10.80 19.00 -12.61
N LYS A 215 11.43 17.83 -12.66
CA LYS A 215 12.52 17.50 -11.76
C LYS A 215 13.89 17.77 -12.36
N GLU A 216 14.05 17.59 -13.68
CA GLU A 216 15.35 17.72 -14.31
C GLU A 216 15.37 18.66 -15.50
N GLY A 217 14.23 19.18 -15.94
CA GLY A 217 14.22 20.06 -17.10
C GLY A 217 14.50 19.37 -18.42
N ARG A 218 14.59 18.05 -18.44
CA ARG A 218 14.91 17.31 -19.65
C ARG A 218 14.33 15.91 -19.53
N LEU A 219 14.36 15.18 -20.64
CA LEU A 219 13.99 13.78 -20.60
C LEU A 219 15.10 12.97 -19.94
N PRO A 220 14.76 11.88 -19.26
CA PRO A 220 15.78 11.10 -18.55
C PRO A 220 16.72 10.41 -19.53
N ASP A 221 17.90 10.06 -19.02
CA ASP A 221 18.87 9.32 -19.84
C ASP A 221 18.49 7.86 -19.95
N TYR A 222 17.97 7.26 -18.88
CA TYR A 222 17.59 5.86 -18.86
C TYR A 222 16.21 5.69 -18.24
N ILE A 223 15.50 4.67 -18.69
CA ILE A 223 14.28 4.18 -18.06
C ILE A 223 14.40 2.66 -17.97
N VAL A 224 14.37 2.13 -16.75
CA VAL A 224 14.59 0.72 -16.50
C VAL A 224 13.34 0.13 -15.86
N ALA A 225 12.97 -1.08 -16.29
CA ALA A 225 11.81 -1.77 -15.76
C ALA A 225 11.99 -3.27 -15.94
N CYS A 226 11.44 -4.03 -15.01
CA CYS A 226 11.51 -5.49 -15.09
C CYS A 226 10.53 -6.00 -16.12
N VAL A 227 10.87 -7.13 -16.74
CA VAL A 227 10.10 -7.71 -17.84
C VAL A 227 9.91 -9.20 -17.59
N SER A 228 8.66 -9.62 -17.47
CA SER A 228 8.29 -11.03 -17.61
C SER A 228 7.35 -11.16 -18.79
N GLY A 229 6.05 -11.08 -18.53
CA GLY A 229 5.12 -10.83 -19.62
C GLY A 229 5.34 -9.47 -20.26
N GLY A 230 5.53 -8.45 -19.44
CA GLY A 230 5.95 -7.15 -19.89
C GLY A 230 4.94 -6.01 -19.78
N SER A 231 3.93 -6.11 -18.92
CA SER A 231 2.91 -5.07 -18.88
C SER A 231 3.40 -3.80 -18.20
N ASN A 232 4.13 -3.92 -17.08
CA ASN A 232 4.61 -2.72 -16.40
C ASN A 232 5.71 -2.03 -17.21
N ALA A 233 6.53 -2.80 -17.93
CA ALA A 233 7.56 -2.19 -18.75
C ALA A 233 6.96 -1.50 -19.98
N ALA A 234 6.00 -2.15 -20.63
CA ALA A 234 5.35 -1.53 -21.79
C ALA A 234 4.58 -0.28 -21.39
N GLY A 235 4.04 -0.25 -20.18
CA GLY A 235 3.31 0.94 -19.73
C GLY A 235 4.20 2.16 -19.61
N ILE A 236 5.44 1.97 -19.16
CA ILE A 236 6.35 3.10 -19.00
C ILE A 236 7.21 3.33 -20.24
N PHE A 237 7.39 2.31 -21.09
CA PHE A 237 8.22 2.47 -22.28
C PHE A 237 7.45 3.10 -23.44
N TYR A 238 6.15 2.82 -23.55
CA TYR A 238 5.41 3.17 -24.75
C TYR A 238 5.44 4.66 -25.09
N PRO A 239 5.17 5.59 -24.16
CA PRO A 239 5.23 7.01 -24.53
C PRO A 239 6.63 7.52 -24.85
N PHE A 240 7.68 6.72 -24.59
CA PHE A 240 9.05 7.13 -24.81
C PHE A 240 9.69 6.43 -26.01
N ILE A 241 8.91 5.71 -26.80
CA ILE A 241 9.46 5.00 -27.96
C ILE A 241 9.95 6.03 -28.98
N ASP A 242 11.18 5.83 -29.45
CA ASP A 242 11.82 6.71 -30.43
C ASP A 242 11.97 8.13 -29.91
N SER A 243 12.16 8.27 -28.60
CA SER A 243 12.39 9.57 -27.97
C SER A 243 13.85 9.84 -27.69
N GLY A 244 14.73 8.85 -27.94
CA GLY A 244 16.12 8.96 -27.59
C GLY A 244 16.47 8.51 -26.20
N VAL A 245 15.47 8.42 -25.30
CA VAL A 245 15.71 7.87 -23.98
C VAL A 245 16.05 6.39 -24.10
N LYS A 246 17.09 5.97 -23.40
CA LYS A 246 17.52 4.57 -23.41
C LYS A 246 16.57 3.76 -22.54
N LEU A 247 15.78 2.90 -23.18
CA LEU A 247 14.81 2.06 -22.50
C LEU A 247 15.41 0.66 -22.32
N ILE A 248 15.43 0.19 -21.08
CA ILE A 248 16.09 -1.07 -20.73
C ILE A 248 15.09 -1.96 -19.99
N GLY A 249 14.82 -3.14 -20.55
CA GLY A 249 13.99 -4.13 -19.89
C GLY A 249 14.85 -5.23 -19.31
N VAL A 250 14.55 -5.59 -18.06
CA VAL A 250 15.36 -6.56 -17.30
C VAL A 250 14.52 -7.81 -17.09
N GLU A 251 14.93 -8.91 -17.71
CA GLU A 251 14.27 -10.19 -17.52
C GLU A 251 14.87 -10.92 -16.31
N ALA A 252 14.20 -12.00 -15.92
CA ALA A 252 14.64 -12.78 -14.76
C ALA A 252 15.74 -13.74 -15.17
N GLY A 253 16.94 -13.54 -14.63
CA GLY A 253 18.05 -14.44 -14.91
C GLY A 253 18.07 -15.69 -14.05
N GLY A 254 17.26 -15.74 -13.00
CA GLY A 254 17.21 -16.93 -12.16
C GLY A 254 18.54 -17.25 -11.53
N GLU A 255 18.91 -18.54 -11.59
CA GLU A 255 20.21 -18.97 -11.13
C GLU A 255 21.32 -18.67 -12.13
N GLY A 256 20.98 -18.17 -13.30
CA GLY A 256 21.95 -17.90 -14.35
C GLY A 256 21.40 -18.20 -15.73
N LEU A 257 21.73 -17.37 -16.71
CA LEU A 257 21.18 -17.55 -18.06
C LEU A 257 21.65 -18.84 -18.70
N GLU A 258 22.74 -19.44 -18.21
CA GLU A 258 23.27 -20.68 -18.76
C GLU A 258 23.03 -21.87 -17.83
N THR A 259 22.21 -21.70 -16.80
CA THR A 259 21.90 -22.78 -15.87
C THR A 259 20.63 -23.54 -16.22
N GLY A 260 19.82 -23.02 -17.14
CA GLY A 260 18.53 -23.62 -17.43
C GLY A 260 17.46 -23.32 -16.43
N LYS A 261 17.72 -22.43 -15.47
CA LYS A 261 16.75 -22.06 -14.42
C LYS A 261 16.62 -20.53 -14.45
N HIS A 262 15.75 -20.05 -15.33
CA HIS A 262 15.54 -18.62 -15.51
C HIS A 262 14.19 -18.42 -16.20
N ALA A 263 13.87 -17.16 -16.50
CA ALA A 263 12.65 -16.82 -17.20
C ALA A 263 12.89 -15.76 -18.26
N ALA A 264 14.08 -15.75 -18.84
CA ALA A 264 14.47 -14.75 -19.85
C ALA A 264 13.98 -15.22 -21.20
N SER A 265 12.73 -14.89 -21.52
CA SER A 265 12.14 -15.35 -22.78
C SER A 265 12.79 -14.68 -23.98
N LEU A 266 13.11 -13.39 -23.87
CA LEU A 266 13.70 -12.69 -25.00
C LEU A 266 15.16 -13.08 -25.20
N LEU A 267 15.89 -13.31 -24.10
CA LEU A 267 17.33 -13.55 -24.22
C LEU A 267 17.63 -15.01 -24.60
N LYS A 268 16.84 -15.95 -24.10
CA LYS A 268 17.13 -17.37 -24.28
C LYS A 268 16.00 -18.17 -24.93
N GLY A 269 14.86 -17.54 -25.22
CA GLY A 269 13.75 -18.24 -25.82
C GLY A 269 13.84 -18.29 -27.33
N LYS A 270 12.87 -18.99 -27.92
CA LYS A 270 12.74 -19.09 -29.36
C LYS A 270 11.34 -18.67 -29.78
N ILE A 271 11.20 -18.34 -31.06
CA ILE A 271 9.90 -17.94 -31.58
C ILE A 271 8.94 -19.11 -31.48
N GLY A 272 7.74 -18.85 -30.96
CA GLY A 272 6.76 -19.89 -30.80
C GLY A 272 5.40 -19.30 -30.49
N TYR A 273 4.51 -20.16 -29.99
CA TYR A 273 3.15 -19.78 -29.66
C TYR A 273 2.87 -20.13 -28.20
N LEU A 274 2.36 -19.16 -27.45
CA LEU A 274 2.03 -19.37 -26.05
C LEU A 274 0.82 -18.51 -25.71
N HIS A 275 -0.27 -19.17 -25.28
CA HIS A 275 -1.47 -18.50 -24.78
C HIS A 275 -2.03 -17.49 -25.78
N GLY A 276 -1.92 -17.79 -27.07
CA GLY A 276 -2.60 -17.03 -28.11
C GLY A 276 -1.71 -16.12 -28.94
N SER A 277 -0.47 -15.88 -28.54
CA SER A 277 0.39 -14.93 -29.22
C SER A 277 1.63 -15.62 -29.77
N LYS A 278 2.07 -15.18 -30.95
CA LYS A 278 3.34 -15.59 -31.52
C LYS A 278 4.43 -14.68 -30.95
N THR A 279 5.34 -15.26 -30.17
CA THR A 279 6.31 -14.46 -29.44
C THR A 279 7.50 -15.36 -29.09
N PHE A 280 8.38 -14.87 -28.22
CA PHE A 280 9.54 -15.63 -27.77
C PHE A 280 9.16 -16.42 -26.52
N VAL A 281 9.28 -17.74 -26.60
CA VAL A 281 8.93 -18.65 -25.51
C VAL A 281 10.13 -19.55 -25.23
N LEU A 282 10.33 -19.87 -23.95
CA LEU A 282 11.35 -20.82 -23.56
C LEU A 282 10.95 -22.21 -24.05
N GLN A 283 11.73 -22.76 -24.98
CA GLN A 283 11.42 -24.04 -25.60
C GLN A 283 12.68 -24.91 -25.63
N ASP A 284 12.46 -26.21 -25.77
CA ASP A 284 13.54 -27.14 -26.07
C ASP A 284 13.74 -27.18 -27.58
N ASP A 285 14.58 -28.10 -28.06
CA ASP A 285 14.84 -28.18 -29.50
C ASP A 285 13.67 -28.78 -30.28
N TRP A 286 12.65 -29.30 -29.60
CA TRP A 286 11.50 -29.91 -30.25
C TRP A 286 10.26 -29.03 -30.21
N GLY A 287 10.40 -27.77 -29.78
CA GLY A 287 9.28 -26.85 -29.75
C GLY A 287 8.36 -27.00 -28.56
N GLN A 288 8.77 -27.71 -27.51
CA GLN A 288 7.93 -27.89 -26.35
C GLN A 288 8.27 -26.84 -25.30
N VAL A 289 7.23 -26.22 -24.74
CA VAL A 289 7.45 -25.16 -23.75
C VAL A 289 8.16 -25.73 -22.53
N GLN A 290 9.11 -24.96 -22.01
CA GLN A 290 9.90 -25.36 -20.86
C GLN A 290 9.45 -24.58 -19.62
N ALA A 291 9.72 -25.16 -18.46
CA ALA A 291 9.38 -24.52 -17.20
C ALA A 291 10.36 -23.40 -16.89
N SER A 292 9.81 -22.27 -16.45
CA SER A 292 10.63 -21.13 -16.04
C SER A 292 10.97 -21.23 -14.56
N HIS A 293 11.94 -20.43 -14.14
CA HIS A 293 12.37 -20.38 -12.75
C HIS A 293 12.80 -18.96 -12.41
N SER A 294 12.47 -18.53 -11.20
CA SER A 294 12.88 -17.22 -10.70
C SER A 294 12.57 -17.14 -9.21
N VAL A 295 13.43 -16.45 -8.46
CA VAL A 295 13.13 -16.17 -7.07
C VAL A 295 11.90 -15.29 -6.94
N SER A 296 11.59 -14.53 -8.00
CA SER A 296 10.39 -13.71 -8.04
C SER A 296 9.26 -14.49 -8.69
N ALA A 297 8.16 -14.69 -7.96
CA ALA A 297 7.03 -15.43 -8.51
C ALA A 297 6.36 -14.66 -9.64
N GLY A 298 6.39 -13.33 -9.59
CA GLY A 298 5.74 -12.55 -10.64
C GLY A 298 6.43 -12.65 -11.98
N LEU A 299 7.72 -12.95 -11.99
CA LEU A 299 8.49 -13.10 -13.22
C LEU A 299 8.60 -14.54 -13.67
N ASP A 300 8.03 -15.48 -12.92
CA ASP A 300 8.17 -16.92 -13.20
C ASP A 300 7.17 -17.32 -14.29
N TYR A 301 7.51 -16.94 -15.53
CA TYR A 301 6.64 -17.16 -16.68
C TYR A 301 7.52 -17.40 -17.91
N PRO A 302 7.23 -18.42 -18.72
CA PRO A 302 8.13 -18.77 -19.83
C PRO A 302 7.93 -17.94 -21.09
N GLY A 303 7.03 -16.95 -21.09
CA GLY A 303 6.75 -16.17 -22.28
C GLY A 303 6.96 -14.68 -22.05
N VAL A 304 6.81 -13.92 -23.13
CA VAL A 304 6.95 -12.47 -23.11
C VAL A 304 6.00 -11.90 -24.15
N GLY A 305 5.48 -10.70 -23.88
CA GLY A 305 4.56 -10.03 -24.77
C GLY A 305 5.14 -9.83 -26.16
N PRO A 306 4.31 -9.96 -27.19
CA PRO A 306 4.80 -9.80 -28.56
C PRO A 306 5.30 -8.39 -28.87
N GLU A 307 4.80 -7.37 -28.18
CA GLU A 307 5.29 -6.01 -28.41
C GLU A 307 6.74 -5.86 -27.98
N HIS A 308 7.16 -6.60 -26.95
CA HIS A 308 8.55 -6.53 -26.52
C HIS A 308 9.48 -7.26 -27.50
N ALA A 309 9.01 -8.36 -28.07
CA ALA A 309 9.79 -9.03 -29.11
C ALA A 309 9.97 -8.13 -30.32
N TYR A 310 8.95 -7.33 -30.65
CA TYR A 310 9.07 -6.37 -31.73
C TYR A 310 10.03 -5.23 -31.35
N TRP A 311 9.91 -4.73 -30.12
CA TRP A 311 10.79 -3.66 -29.68
C TRP A 311 12.24 -4.11 -29.63
N ARG A 312 12.48 -5.36 -29.23
CA ARG A 312 13.84 -5.89 -29.20
CA ARG A 312 13.84 -5.89 -29.20
C ARG A 312 14.42 -6.01 -30.61
N GLU A 313 13.61 -6.51 -31.56
CA GLU A 313 14.09 -6.72 -32.92
C GLU A 313 14.44 -5.39 -33.59
N THR A 314 13.62 -4.37 -33.41
CA THR A 314 13.84 -3.07 -34.03
C THR A 314 14.80 -2.19 -33.24
N GLY A 315 15.32 -2.66 -32.12
CA GLY A 315 16.26 -1.89 -31.33
C GLY A 315 15.67 -0.71 -30.59
N LYS A 316 14.34 -0.63 -30.49
CA LYS A 316 13.71 0.47 -29.78
C LYS A 316 13.80 0.33 -28.27
N VAL A 317 13.97 -0.88 -27.76
CA VAL A 317 14.19 -1.14 -26.34
C VAL A 317 15.32 -2.14 -26.21
N LEU A 318 16.23 -1.87 -25.28
CA LEU A 318 17.33 -2.80 -24.98
C LEU A 318 16.89 -3.73 -23.85
N TYR A 319 17.34 -4.98 -23.92
CA TYR A 319 16.93 -6.00 -22.96
C TYR A 319 18.14 -6.74 -22.41
N ASP A 320 18.07 -7.06 -21.13
CA ASP A 320 19.11 -7.80 -20.43
C ASP A 320 18.46 -8.53 -19.26
N ALA A 321 19.27 -9.11 -18.39
CA ALA A 321 18.75 -9.86 -17.25
C ALA A 321 19.69 -9.71 -16.06
N VAL A 322 19.14 -9.99 -14.87
CA VAL A 322 19.91 -10.06 -13.65
C VAL A 322 19.51 -11.34 -12.92
N THR A 323 20.43 -11.85 -12.10
CA THR A 323 20.23 -13.12 -11.43
C THR A 323 19.36 -12.96 -10.19
N ASP A 324 19.02 -14.10 -9.58
CA ASP A 324 18.27 -14.08 -8.32
C ASP A 324 19.05 -13.35 -7.24
N GLU A 325 20.36 -13.60 -7.15
CA GLU A 325 21.16 -12.97 -6.10
C GLU A 325 21.25 -11.47 -6.28
N GLU A 326 21.37 -11.01 -7.53
CA GLU A 326 21.44 -9.57 -7.79
C GLU A 326 20.11 -8.90 -7.46
N ALA A 327 19.00 -9.59 -7.72
CA ALA A 327 17.69 -9.02 -7.35
C ALA A 327 17.51 -9.00 -5.85
N LEU A 328 18.00 -10.04 -5.15
CA LEU A 328 17.90 -10.07 -3.70
C LEU A 328 18.72 -8.94 -3.06
N ASP A 329 19.88 -8.65 -3.63
CA ASP A 329 20.71 -7.56 -3.11
C ASP A 329 20.03 -6.21 -3.30
N ALA A 330 19.39 -6.00 -4.45
CA ALA A 330 18.68 -4.75 -4.68
C ALA A 330 17.46 -4.63 -3.78
N PHE A 331 16.81 -5.75 -3.47
CA PHE A 331 15.70 -5.75 -2.52
C PHE A 331 16.15 -5.20 -1.17
N ILE A 332 17.26 -5.72 -0.64
CA ILE A 332 17.78 -5.25 0.64
C ILE A 332 18.30 -3.82 0.52
N GLU A 333 18.88 -3.47 -0.63
CA GLU A 333 19.50 -2.16 -0.79
C GLU A 333 18.48 -1.04 -0.70
N LEU A 334 17.35 -1.18 -1.40
CA LEU A 334 16.35 -0.12 -1.38
C LEU A 334 15.66 -0.02 -0.02
N SER A 335 15.46 -1.16 0.65
CA SER A 335 14.86 -1.14 1.98
C SER A 335 15.72 -0.36 2.96
N ARG A 336 17.05 -0.56 2.91
CA ARG A 336 17.94 0.08 3.86
C ARG A 336 18.18 1.54 3.52
N LEU A 337 18.30 1.86 2.22
CA LEU A 337 18.71 3.21 1.82
C LEU A 337 17.54 4.18 1.77
N GLU A 338 16.37 3.73 1.34
CA GLU A 338 15.23 4.61 1.15
C GLU A 338 14.02 4.26 2.01
N GLY A 339 14.07 3.19 2.78
CA GLY A 339 12.92 2.80 3.56
C GLY A 339 11.76 2.29 2.73
N ILE A 340 12.01 1.88 1.48
CA ILE A 340 10.99 1.35 0.59
C ILE A 340 11.31 -0.11 0.32
N ILE A 341 10.40 -0.99 0.69
CA ILE A 341 10.55 -2.43 0.46
C ILE A 341 9.99 -2.73 -0.93
N PRO A 342 10.84 -2.97 -1.94
CA PRO A 342 10.34 -3.15 -3.31
C PRO A 342 9.96 -4.59 -3.59
N ALA A 343 9.05 -4.74 -4.55
CA ALA A 343 8.71 -6.07 -5.03
C ALA A 343 9.94 -6.76 -5.60
N LEU A 344 10.03 -8.08 -5.39
CA LEU A 344 11.15 -8.83 -5.95
C LEU A 344 11.17 -8.74 -7.46
N GLU A 345 10.01 -8.50 -8.08
CA GLU A 345 9.97 -8.24 -9.51
C GLU A 345 10.73 -6.97 -9.86
N SER A 346 10.32 -5.85 -9.25
CA SER A 346 10.98 -4.57 -9.51
C SER A 346 12.43 -4.56 -9.04
N SER A 347 12.79 -5.44 -8.10
CA SER A 347 14.17 -5.52 -7.66
C SER A 347 15.11 -5.93 -8.78
N HIS A 348 14.60 -6.58 -9.82
CA HIS A 348 15.43 -6.90 -10.97
C HIS A 348 15.84 -5.64 -11.71
N ALA A 349 14.91 -4.68 -11.84
CA ALA A 349 15.25 -3.41 -12.47
C ALA A 349 16.21 -2.60 -11.61
N LEU A 350 15.98 -2.57 -10.30
CA LEU A 350 16.87 -1.84 -9.40
C LEU A 350 18.28 -2.43 -9.42
N ALA A 351 18.38 -3.76 -9.55
CA ALA A 351 19.69 -4.39 -9.61
C ALA A 351 20.47 -3.97 -10.84
N TYR A 352 19.78 -3.62 -11.92
CA TYR A 352 20.47 -3.23 -13.15
C TYR A 352 21.15 -1.88 -13.04
N LEU A 353 20.90 -1.12 -11.96
CA LEU A 353 21.63 0.12 -11.74
C LEU A 353 23.13 -0.12 -11.66
N LYS A 354 23.53 -1.32 -11.25
CA LYS A 354 24.95 -1.69 -11.22
C LYS A 354 25.49 -2.08 -12.59
N LYS A 355 24.62 -2.37 -13.55
CA LYS A 355 25.03 -2.90 -14.84
C LYS A 355 25.20 -1.82 -15.91
N ILE A 356 24.93 -0.57 -15.58
CA ILE A 356 25.02 0.54 -16.53
C ILE A 356 25.82 1.69 -15.92
N ASN A 357 26.55 2.38 -16.79
CA ASN A 357 27.39 3.51 -16.40
C ASN A 357 26.48 4.73 -16.24
N ILE A 358 26.01 4.96 -15.02
CA ILE A 358 25.04 6.00 -14.74
C ILE A 358 25.64 7.18 -13.99
N LYS A 359 26.96 7.22 -13.83
CA LYS A 359 27.58 8.35 -13.17
C LYS A 359 27.21 9.64 -13.89
N GLY A 360 26.48 10.52 -13.20
CA GLY A 360 26.02 11.76 -13.78
C GLY A 360 24.78 11.65 -14.64
N LYS A 361 24.12 10.50 -14.66
CA LYS A 361 22.97 10.27 -15.53
C LYS A 361 21.66 10.35 -14.74
N VAL A 362 20.59 10.69 -15.46
CA VAL A 362 19.24 10.74 -14.90
C VAL A 362 18.54 9.43 -15.24
N VAL A 363 18.21 8.64 -14.22
CA VAL A 363 17.64 7.31 -14.40
C VAL A 363 16.29 7.26 -13.72
N VAL A 364 15.29 6.74 -14.43
CA VAL A 364 13.96 6.48 -13.88
C VAL A 364 13.79 4.97 -13.81
N VAL A 365 13.49 4.46 -12.62
CA VAL A 365 13.24 3.03 -12.40
C VAL A 365 11.77 2.85 -12.07
N ASN A 366 11.10 1.95 -12.78
CA ASN A 366 9.70 1.68 -12.54
C ASN A 366 9.57 0.75 -11.33
N LEU A 367 9.10 1.30 -10.21
CA LEU A 367 8.87 0.53 -9.00
C LEU A 367 7.47 -0.08 -9.09
N SER A 368 7.39 -1.26 -9.70
CA SER A 368 6.10 -1.82 -10.09
C SER A 368 5.24 -2.24 -8.91
N GLY A 369 5.82 -2.45 -7.73
CA GLY A 369 5.02 -2.85 -6.58
C GLY A 369 5.86 -2.93 -5.33
N ARG A 370 5.16 -3.09 -4.20
CA ARG A 370 5.83 -3.24 -2.92
C ARG A 370 6.19 -4.70 -2.68
N GLY A 371 7.17 -4.91 -1.80
CA GLY A 371 7.71 -6.24 -1.59
C GLY A 371 7.41 -6.85 -0.24
N ASP A 372 6.38 -6.36 0.44
CA ASP A 372 5.96 -6.98 1.70
C ASP A 372 5.55 -8.43 1.49
N LYS A 373 5.03 -8.75 0.31
CA LYS A 373 4.66 -10.13 -0.02
C LYS A 373 5.88 -11.04 -0.14
N ASP A 374 7.06 -10.48 -0.35
CA ASP A 374 8.27 -11.26 -0.61
C ASP A 374 9.19 -11.37 0.60
N LEU A 375 8.78 -10.85 1.75
CA LEU A 375 9.68 -10.78 2.90
C LEU A 375 10.10 -12.17 3.35
N GLU A 376 9.17 -13.12 3.43
CA GLU A 376 9.51 -14.46 3.86
C GLU A 376 10.38 -15.18 2.83
N SER A 377 10.13 -14.93 1.55
CA SER A 377 10.94 -15.56 0.50
C SER A 377 12.37 -15.03 0.51
N VAL A 378 12.54 -13.75 0.80
CA VAL A 378 13.88 -13.15 0.81
C VAL A 378 14.67 -13.65 2.01
N LEU A 379 14.10 -13.54 3.20
CA LEU A 379 14.84 -13.86 4.41
C LEU A 379 15.17 -15.34 4.52
N ASN A 380 14.36 -16.21 3.92
CA ASN A 380 14.61 -17.64 3.97
C ASN A 380 15.48 -18.14 2.83
N HIS A 381 15.83 -17.28 1.87
CA HIS A 381 16.66 -17.70 0.76
C HIS A 381 18.08 -17.99 1.26
N PRO A 382 18.71 -19.07 0.77
CA PRO A 382 20.05 -19.42 1.26
C PRO A 382 21.09 -18.33 1.01
N TYR A 383 20.91 -17.52 -0.03
CA TYR A 383 21.85 -16.43 -0.29
C TYR A 383 21.73 -15.35 0.76
N VAL A 384 20.51 -15.08 1.25
CA VAL A 384 20.32 -14.04 2.24
C VAL A 384 20.56 -14.58 3.65
N ARG A 385 20.18 -15.83 3.90
CA ARG A 385 20.45 -16.45 5.20
C ARG A 385 21.94 -16.50 5.49
N GLU A 386 22.74 -16.85 4.48
CA GLU A 386 24.19 -16.82 4.64
C GLU A 386 24.73 -15.39 4.75
N ARG A 387 24.00 -14.41 4.24
CA ARG A 387 24.39 -13.01 4.34
C ARG A 387 24.20 -12.49 5.77
N GLY B 3 1.10 24.58 26.83
CA GLY B 3 0.56 23.46 26.08
C GLY B 3 -0.58 22.76 26.79
N ASN B 4 -1.65 23.50 27.04
CA ASN B 4 -2.82 22.99 27.75
C ASN B 4 -4.05 23.18 26.88
N PHE B 5 -4.80 22.08 26.68
CA PHE B 5 -6.10 22.15 26.01
C PHE B 5 -7.15 22.28 27.10
N GLY B 6 -7.32 23.52 27.58
CA GLY B 6 -8.14 23.76 28.74
C GLY B 6 -7.47 23.21 29.99
N PRO B 7 -8.15 22.28 30.68
CA PRO B 7 -7.55 21.65 31.85
C PRO B 7 -6.68 20.43 31.53
N TYR B 8 -6.61 20.00 30.27
CA TYR B 8 -5.91 18.80 29.89
C TYR B 8 -4.57 19.13 29.24
N GLY B 9 -3.69 18.13 29.21
CA GLY B 9 -2.37 18.30 28.64
C GLY B 9 -1.27 18.44 29.68
N GLY B 10 -0.38 19.40 29.48
CA GLY B 10 0.69 19.65 30.42
C GLY B 10 1.92 18.80 30.16
N GLN B 11 2.87 18.91 31.10
CA GLN B 11 4.13 18.17 31.06
C GLN B 11 4.32 17.47 32.40
N ASN B 12 3.51 16.44 32.65
CA ASN B 12 3.57 15.69 33.91
C ASN B 12 4.58 14.56 33.76
N VAL B 13 5.85 14.93 33.88
CA VAL B 13 6.95 14.01 33.60
C VAL B 13 7.95 14.10 34.74
N PRO B 14 8.83 13.10 34.88
CA PRO B 14 9.95 13.23 35.82
C PRO B 14 10.84 14.40 35.44
N GLU B 15 11.62 14.85 36.42
CA GLU B 15 12.41 16.07 36.25
C GLU B 15 13.46 15.92 35.15
N ILE B 16 14.00 14.70 34.97
CA ILE B 16 15.06 14.50 33.99
C ILE B 16 14.59 14.82 32.58
N LEU B 17 13.31 14.54 32.28
CA LEU B 17 12.78 14.77 30.95
C LEU B 17 12.54 16.24 30.64
N MET B 18 12.59 17.12 31.65
CA MET B 18 12.25 18.52 31.43
C MET B 18 13.26 19.22 30.54
N GLY B 19 14.51 18.76 30.53
CA GLY B 19 15.51 19.40 29.69
C GLY B 19 15.28 19.14 28.21
N ALA B 20 15.06 17.88 27.85
CA ALA B 20 14.83 17.54 26.45
C ALA B 20 13.51 18.11 25.95
N LEU B 21 12.49 18.19 26.82
CA LEU B 21 11.21 18.75 26.40
C LEU B 21 11.31 20.25 26.14
N GLU B 22 12.16 20.95 26.88
CA GLU B 22 12.33 22.38 26.64
C GLU B 22 13.13 22.64 25.37
N GLU B 23 14.17 21.84 25.14
CA GLU B 23 14.94 21.99 23.90
C GLU B 23 14.12 21.54 22.69
N LEU B 24 13.22 20.58 22.86
CA LEU B 24 12.36 20.16 21.76
C LEU B 24 11.32 21.23 21.44
N GLU B 25 10.71 21.80 22.47
CA GLU B 25 9.80 22.91 22.25
C GLU B 25 10.51 24.08 21.57
N ALA B 26 11.69 24.44 22.08
CA ALA B 26 12.44 25.54 21.49
C ALA B 26 12.76 25.30 20.03
N ALA B 27 13.18 24.07 19.70
CA ALA B 27 13.48 23.76 18.30
C ALA B 27 12.21 23.76 17.45
N TYR B 28 11.07 23.38 18.03
CA TYR B 28 9.84 23.33 17.25
C TYR B 28 9.29 24.72 16.98
N GLU B 29 9.47 25.67 17.91
CA GLU B 29 9.06 27.04 17.63
C GLU B 29 9.88 27.66 16.52
N GLY B 30 11.14 27.24 16.37
CA GLY B 30 11.97 27.79 15.31
C GLY B 30 11.49 27.40 13.92
N ILE B 31 10.95 26.19 13.77
CA ILE B 31 10.44 25.75 12.47
C ILE B 31 8.97 26.11 12.26
N MET B 32 8.34 26.77 13.24
CA MET B 32 6.93 27.14 13.09
C MET B 32 6.74 28.11 11.94
N LYS B 33 7.69 29.02 11.72
CA LYS B 33 7.63 29.98 10.63
C LYS B 33 8.64 29.68 9.53
N ASP B 34 9.50 28.67 9.72
CA ASP B 34 10.52 28.33 8.73
C ASP B 34 9.85 27.63 7.55
N GLU B 35 9.67 28.36 6.45
CA GLU B 35 9.03 27.78 5.28
C GLU B 35 9.91 26.77 4.56
N SER B 36 11.23 26.83 4.77
CA SER B 36 12.12 25.83 4.19
C SER B 36 11.92 24.47 4.83
N PHE B 37 11.51 24.43 6.10
CA PHE B 37 11.22 23.16 6.75
C PHE B 37 9.96 22.53 6.17
N TRP B 38 8.86 23.28 6.16
CA TRP B 38 7.58 22.75 5.68
C TRP B 38 7.60 22.48 4.18
N LYS B 39 8.48 23.14 3.42
CA LYS B 39 8.64 22.81 2.01
C LYS B 39 9.24 21.42 1.85
N GLU B 40 10.31 21.14 2.60
CA GLU B 40 10.91 19.81 2.55
C GLU B 40 9.96 18.75 3.09
N TYR B 41 9.18 19.09 4.12
CA TYR B 41 8.24 18.15 4.68
C TYR B 41 7.11 17.83 3.70
N ASN B 42 6.58 18.85 3.02
CA ASN B 42 5.50 18.62 2.08
C ASN B 42 5.99 17.95 0.80
N ASP B 43 7.22 18.24 0.39
CA ASP B 43 7.79 17.54 -0.77
C ASP B 43 7.95 16.05 -0.48
N LEU B 44 8.35 15.71 0.74
CA LEU B 44 8.47 14.29 1.10
C LEU B 44 7.08 13.66 1.22
N LEU B 45 6.11 14.39 1.78
CA LEU B 45 4.76 13.86 1.87
C LEU B 45 4.20 13.53 0.48
N ARG B 46 4.53 14.35 -0.52
CA ARG B 46 4.02 14.15 -1.86
C ARG B 46 4.74 13.00 -2.57
N ASP B 47 6.07 13.07 -2.65
CA ASP B 47 6.81 12.11 -3.47
C ASP B 47 7.09 10.81 -2.73
N TYR B 48 7.27 10.85 -1.42
CA TYR B 48 7.63 9.66 -0.66
C TYR B 48 6.42 8.95 -0.07
N ALA B 49 5.48 9.70 0.50
CA ALA B 49 4.32 9.10 1.16
C ALA B 49 3.14 8.90 0.22
N GLY B 50 3.04 9.68 -0.84
CA GLY B 50 1.95 9.58 -1.78
C GLY B 50 0.84 10.60 -1.62
N ARG B 51 1.11 11.73 -0.97
CA ARG B 51 0.10 12.76 -0.77
C ARG B 51 -0.03 13.62 -2.04
N PRO B 52 -1.21 14.20 -2.28
CA PRO B 52 -2.44 14.12 -1.48
C PRO B 52 -3.18 12.80 -1.68
N THR B 53 -3.76 12.25 -0.62
CA THR B 53 -4.54 11.03 -0.75
C THR B 53 -5.94 11.36 -1.29
N PRO B 54 -6.50 10.50 -2.13
CA PRO B 54 -7.78 10.82 -2.76
C PRO B 54 -8.94 10.69 -1.78
N LEU B 55 -10.04 11.34 -2.15
CA LEU B 55 -11.31 11.24 -1.44
C LEU B 55 -12.26 10.44 -2.34
N TYR B 56 -12.48 9.17 -1.98
CA TYR B 56 -13.15 8.22 -2.86
C TYR B 56 -14.61 8.07 -2.48
N PHE B 57 -15.49 8.21 -3.48
CA PHE B 57 -16.92 8.03 -3.28
C PHE B 57 -17.25 6.54 -3.38
N ALA B 58 -17.61 5.94 -2.26
CA ALA B 58 -17.98 4.53 -2.22
C ALA B 58 -19.41 4.38 -2.71
N ARG B 59 -19.57 4.06 -4.00
CA ARG B 59 -20.91 4.04 -4.59
C ARG B 59 -21.76 2.93 -4.00
N ARG B 60 -21.22 1.71 -3.94
CA ARG B 60 -22.02 0.59 -3.41
C ARG B 60 -22.27 0.75 -1.92
N LEU B 61 -21.29 1.28 -1.18
CA LEU B 61 -21.50 1.52 0.25
C LEU B 61 -22.51 2.64 0.47
N SER B 62 -22.50 3.65 -0.39
CA SER B 62 -23.47 4.75 -0.25
C SER B 62 -24.88 4.27 -0.53
N GLU B 63 -25.04 3.35 -1.49
CA GLU B 63 -26.37 2.84 -1.83
C GLU B 63 -26.97 1.97 -0.73
N LYS B 64 -26.14 1.43 0.16
CA LYS B 64 -26.66 0.56 1.21
C LYS B 64 -27.36 1.36 2.31
N TYR B 65 -26.89 2.56 2.59
CA TYR B 65 -27.45 3.38 3.68
C TYR B 65 -28.24 4.57 3.19
N GLY B 66 -28.28 4.81 1.87
CA GLY B 66 -28.95 5.99 1.35
C GLY B 66 -28.20 7.28 1.51
N ALA B 67 -26.92 7.21 1.87
CA ALA B 67 -26.09 8.38 2.06
C ALA B 67 -25.17 8.58 0.85
N ARG B 68 -24.24 9.51 0.97
CA ARG B 68 -23.17 9.71 -0.01
C ARG B 68 -21.86 9.61 0.75
N VAL B 69 -21.42 8.38 0.99
CA VAL B 69 -20.28 8.11 1.87
C VAL B 69 -18.99 8.28 1.08
N TYR B 70 -18.09 9.11 1.59
CA TYR B 70 -16.76 9.29 1.04
C TYR B 70 -15.72 8.74 2.00
N LEU B 71 -14.61 8.26 1.45
CA LEU B 71 -13.53 7.67 2.24
C LEU B 71 -12.24 8.42 1.96
N LYS B 72 -11.68 9.04 2.99
CA LYS B 72 -10.35 9.66 2.89
C LYS B 72 -9.32 8.53 2.93
N ARG B 73 -8.70 8.26 1.78
CA ARG B 73 -7.91 7.05 1.58
C ARG B 73 -6.50 7.21 2.13
N GLU B 74 -6.40 7.18 3.46
CA GLU B 74 -5.10 7.15 4.10
C GLU B 74 -4.43 5.78 3.97
N ASP B 75 -5.18 4.75 3.59
CA ASP B 75 -4.63 3.42 3.35
C ASP B 75 -3.73 3.38 2.12
N LEU B 76 -3.78 4.39 1.26
CA LEU B 76 -2.96 4.45 0.07
C LEU B 76 -1.60 5.09 0.31
N LEU B 77 -1.30 5.48 1.55
CA LEU B 77 -0.01 6.06 1.87
C LEU B 77 1.06 4.98 1.90
N HIS B 78 2.31 5.41 1.81
CA HIS B 78 3.43 4.51 2.04
C HIS B 78 3.35 3.94 3.45
N THR B 79 3.67 2.65 3.58
CA THR B 79 3.49 1.84 4.79
C THR B 79 2.02 1.55 5.06
N GLY B 80 1.13 2.23 4.35
CA GLY B 80 -0.29 1.91 4.42
C GLY B 80 -1.04 2.40 5.63
N ALA B 81 -0.61 3.50 6.23
CA ALA B 81 -1.31 4.05 7.39
C ALA B 81 -0.91 5.51 7.55
N HIS B 82 -1.74 6.23 8.29
CA HIS B 82 -1.54 7.66 8.54
C HIS B 82 -0.30 7.92 9.39
N1 LLP B 83 -5.74 3.48 12.63
C2 LLP B 83 -4.64 2.91 12.12
C2' LLP B 83 -4.66 2.36 10.66
C3 LLP B 83 -3.46 2.81 12.89
O3 LLP B 83 -2.31 2.21 12.35
C4 LLP B 83 -3.42 3.29 14.18
C4' LLP B 83 -2.05 3.14 15.00
C5 LLP B 83 -4.53 3.87 14.72
C6 LLP B 83 -5.71 3.97 13.95
C5' LLP B 83 -4.53 4.42 16.18
OP4 LLP B 83 -3.73 5.58 16.26
P LLP B 83 -4.42 6.95 16.42
OP1 LLP B 83 -5.58 6.83 17.35
OP2 LLP B 83 -3.45 7.92 16.97
OP3 LLP B 83 -4.92 7.43 15.05
N LLP B 83 0.18 6.88 10.07
CA LLP B 83 1.32 7.00 11.00
CB LLP B 83 1.61 5.67 11.64
CG LLP B 83 0.34 5.07 12.28
CD LLP B 83 0.26 5.48 13.76
CE LLP B 83 0.05 4.24 14.66
NZ LLP B 83 -0.96 3.35 14.09
C LLP B 83 2.54 7.50 10.31
O LLP B 83 3.44 8.03 10.96
N ILE B 84 2.60 7.35 8.99
CA ILE B 84 3.76 7.75 8.21
C ILE B 84 3.85 9.28 8.13
N ASN B 85 2.70 9.97 8.19
CA ASN B 85 2.72 11.43 8.21
C ASN B 85 3.47 11.95 9.42
N ASN B 86 3.16 11.41 10.59
CA ASN B 86 3.84 11.83 11.81
C ASN B 86 5.31 11.43 11.80
N ALA B 87 5.60 10.19 11.39
CA ALA B 87 6.97 9.68 11.46
C ALA B 87 7.92 10.48 10.58
N ILE B 88 7.47 10.86 9.38
CA ILE B 88 8.33 11.62 8.48
C ILE B 88 8.65 12.99 9.07
N GLY B 89 7.63 13.65 9.64
CA GLY B 89 7.86 14.98 10.19
C GLY B 89 8.73 14.97 11.43
N GLN B 90 8.54 13.98 12.30
CA GLN B 90 9.33 13.93 13.53
C GLN B 90 10.80 13.64 13.24
N VAL B 91 11.08 12.71 12.33
CA VAL B 91 12.46 12.41 11.99
C VAL B 91 13.09 13.56 11.22
N LEU B 92 12.30 14.27 10.40
CA LEU B 92 12.81 15.49 9.78
C LEU B 92 13.18 16.52 10.83
N LEU B 93 12.35 16.65 11.87
CA LEU B 93 12.71 17.51 13.00
C LEU B 93 13.95 17.00 13.71
N ALA B 94 14.11 15.67 13.78
CA ALA B 94 15.29 15.10 14.41
C ALA B 94 16.56 15.44 13.62
N LYS B 95 16.45 15.51 12.30
CA LYS B 95 17.61 15.86 11.48
C LYS B 95 18.04 17.30 11.71
N LEU B 96 17.07 18.22 11.77
CA LEU B 96 17.39 19.63 11.98
C LEU B 96 17.98 19.87 13.37
N MET B 97 17.55 19.10 14.37
CA MET B 97 18.07 19.23 15.72
C MET B 97 19.44 18.61 15.89
N GLY B 98 19.98 17.96 14.86
CA GLY B 98 21.28 17.32 14.94
C GLY B 98 21.27 15.92 15.51
N LYS B 99 20.10 15.37 15.82
CA LYS B 99 20.03 14.02 16.35
C LYS B 99 20.37 13.00 15.26
N THR B 100 20.98 11.90 15.69
CA THR B 100 21.38 10.83 14.79
C THR B 100 20.77 9.48 15.14
N ARG B 101 19.97 9.40 16.20
CA ARG B 101 19.36 8.17 16.66
C ARG B 101 17.88 8.38 16.87
N ILE B 102 17.07 7.38 16.51
CA ILE B 102 15.62 7.46 16.61
C ILE B 102 15.14 6.30 17.48
N THR B 103 14.24 6.59 18.42
CA THR B 103 13.65 5.56 19.25
C THR B 103 12.15 5.81 19.36
N ALA B 104 11.40 4.74 19.63
CA ALA B 104 9.96 4.80 19.72
C ALA B 104 9.46 3.49 20.31
N GLY B 105 8.20 3.50 20.74
CA GLY B 105 7.55 2.30 21.24
C GLY B 105 6.38 1.93 20.36
N THR B 106 6.09 0.63 20.29
CA THR B 106 5.00 0.14 19.46
C THR B 106 4.46 -1.15 20.06
N GLY B 107 3.19 -1.43 19.75
CA GLY B 107 2.56 -2.64 20.24
C GLY B 107 2.67 -3.80 19.26
N ALA B 108 1.84 -3.79 18.22
CA ALA B 108 1.92 -4.81 17.18
C ALA B 108 3.02 -4.53 16.18
N GLY B 109 3.64 -3.35 16.22
CA GLY B 109 4.70 -2.99 15.32
C GLY B 109 4.30 -2.03 14.20
N GLN B 110 3.08 -1.50 14.23
N GLN B 110 3.05 -1.56 14.20
CA GLN B 110 2.62 -0.66 13.13
CA GLN B 110 2.62 -0.65 13.14
C GLN B 110 3.25 0.73 13.19
C GLN B 110 3.35 0.67 13.19
N HIS B 111 3.45 1.26 14.39
CA HIS B 111 4.16 2.53 14.52
C HIS B 111 5.68 2.33 14.43
N GLY B 112 6.16 1.15 14.84
CA GLY B 112 7.59 0.87 14.70
C GLY B 112 8.03 0.81 13.25
N VAL B 113 7.17 0.27 12.38
CA VAL B 113 7.50 0.22 10.96
C VAL B 113 7.53 1.62 10.36
N ALA B 114 6.51 2.44 10.68
CA ALA B 114 6.48 3.81 10.17
C ALA B 114 7.69 4.61 10.66
N THR B 115 8.09 4.39 11.91
CA THR B 115 9.26 5.08 12.45
C THR B 115 10.55 4.57 11.81
N ALA B 116 10.68 3.25 11.69
CA ALA B 116 11.86 2.68 11.04
C ALA B 116 11.92 3.07 9.57
N THR B 117 10.77 3.28 8.94
CA THR B 117 10.75 3.72 7.54
C THR B 117 11.30 5.14 7.42
N ALA B 118 10.84 6.05 8.27
CA ALA B 118 11.34 7.42 8.23
C ALA B 118 12.81 7.49 8.64
N ALA B 119 13.24 6.64 9.56
CA ALA B 119 14.64 6.63 9.96
C ALA B 119 15.55 6.18 8.82
N ALA B 120 15.11 5.18 8.05
CA ALA B 120 15.88 4.73 6.90
C ALA B 120 15.91 5.78 5.81
N LEU B 121 14.79 6.50 5.62
CA LEU B 121 14.74 7.55 4.62
C LEU B 121 15.78 8.63 4.90
N PHE B 122 15.97 8.98 6.17
CA PHE B 122 16.94 9.99 6.56
C PHE B 122 18.29 9.40 6.93
N GLY B 123 18.45 8.09 6.87
CA GLY B 123 19.72 7.44 7.16
C GLY B 123 20.15 7.59 8.61
N MET B 124 19.28 7.19 9.53
CA MET B 124 19.55 7.33 10.96
C MET B 124 19.41 5.97 11.65
N GLU B 125 20.09 5.84 12.78
CA GLU B 125 19.95 4.64 13.60
C GLU B 125 18.57 4.63 14.24
N CYS B 126 17.98 3.44 14.33
CA CYS B 126 16.62 3.29 14.84
C CYS B 126 16.57 2.12 15.80
N VAL B 127 16.04 2.36 17.00
CA VAL B 127 15.84 1.32 18.00
C VAL B 127 14.37 1.36 18.42
N ILE B 128 13.67 0.25 18.19
CA ILE B 128 12.23 0.17 18.43
C ILE B 128 11.97 -0.82 19.57
N TYR B 129 11.07 -0.43 20.48
CA TYR B 129 10.63 -1.29 21.57
C TYR B 129 9.22 -1.77 21.27
N MET B 130 9.01 -3.09 21.35
CA MET B 130 7.80 -3.72 20.84
C MET B 130 7.26 -4.71 21.85
N GLY B 131 5.93 -4.85 21.86
CA GLY B 131 5.27 -5.81 22.71
C GLY B 131 5.14 -7.19 22.05
N GLU B 132 4.41 -8.06 22.73
CA GLU B 132 4.22 -9.43 22.24
C GLU B 132 2.78 -9.72 21.83
N ILE B 136 1.14 -13.57 12.98
CA ILE B 136 1.96 -13.37 11.78
C ILE B 136 2.19 -11.88 11.55
N ARG B 137 1.23 -11.06 11.98
CA ARG B 137 1.34 -9.62 11.79
C ARG B 137 2.55 -9.06 12.54
N GLN B 138 2.73 -9.47 13.79
CA GLN B 138 3.89 -9.02 14.54
C GLN B 138 5.18 -9.59 13.96
N LYS B 139 5.16 -10.86 13.56
CA LYS B 139 6.34 -11.47 12.95
C LYS B 139 6.73 -10.75 11.66
N LEU B 140 5.75 -10.39 10.85
CA LEU B 140 6.04 -9.66 9.61
C LEU B 140 6.55 -8.25 9.92
N ASN B 141 5.99 -7.60 10.94
CA ASN B 141 6.42 -6.25 11.29
C ASN B 141 7.87 -6.25 11.79
N VAL B 142 8.26 -7.30 12.53
CA VAL B 142 9.64 -7.41 12.98
C VAL B 142 10.57 -7.57 11.79
N GLU B 143 10.16 -8.38 10.82
CA GLU B 143 10.97 -8.57 9.61
C GLU B 143 11.06 -7.28 8.81
N ARG B 144 9.98 -6.50 8.77
CA ARG B 144 10.02 -5.19 8.12
C ARG B 144 11.06 -4.29 8.78
N MET B 145 10.97 -4.14 10.11
CA MET B 145 11.88 -3.25 10.81
C MET B 145 13.33 -3.69 10.68
N LYS B 146 13.57 -5.00 10.58
CA LYS B 146 14.93 -5.48 10.37
C LYS B 146 15.40 -5.21 8.94
N LEU B 147 14.53 -5.42 7.96
CA LEU B 147 14.88 -5.08 6.58
C LEU B 147 15.09 -3.58 6.43
N LEU B 148 14.39 -2.77 7.22
CA LEU B 148 14.56 -1.33 7.18
C LEU B 148 15.77 -0.85 7.97
N GLY B 149 16.46 -1.76 8.67
CA GLY B 149 17.68 -1.41 9.37
C GLY B 149 17.51 -1.03 10.83
N ALA B 150 16.33 -1.24 11.41
CA ALA B 150 16.07 -0.86 12.78
C ALA B 150 16.34 -2.03 13.73
N LYS B 151 16.83 -1.70 14.92
CA LYS B 151 17.02 -2.68 15.98
C LYS B 151 15.73 -2.82 16.77
N VAL B 152 15.23 -4.05 16.90
CA VAL B 152 13.98 -4.31 17.59
C VAL B 152 14.29 -4.92 18.94
N VAL B 153 13.90 -4.23 20.00
CA VAL B 153 14.13 -4.69 21.37
C VAL B 153 12.81 -5.21 21.92
N PRO B 154 12.69 -6.50 22.23
CA PRO B 154 11.42 -7.01 22.76
C PRO B 154 11.21 -6.57 24.20
N VAL B 155 9.99 -6.12 24.48
CA VAL B 155 9.64 -5.57 25.79
C VAL B 155 9.28 -6.72 26.73
N LYS B 156 9.90 -6.74 27.91
CA LYS B 156 9.64 -7.78 28.89
C LYS B 156 8.93 -7.29 30.14
N SER B 157 9.00 -5.99 30.45
CA SER B 157 8.37 -5.47 31.64
C SER B 157 6.85 -5.43 31.49
N GLY B 158 6.16 -5.53 32.63
CA GLY B 158 4.71 -5.45 32.68
C GLY B 158 4.04 -6.52 31.85
N SER B 159 2.85 -6.19 31.36
CA SER B 159 2.10 -7.08 30.48
C SER B 159 2.64 -7.11 29.06
N ARG B 160 3.69 -6.34 28.78
CA ARG B 160 4.31 -6.28 27.45
C ARG B 160 3.30 -5.86 26.39
N THR B 161 2.72 -4.68 26.61
CA THR B 161 1.74 -4.10 25.72
C THR B 161 2.33 -2.83 25.07
N LEU B 162 1.48 -2.12 24.33
CA LEU B 162 1.90 -0.84 23.77
C LEU B 162 2.27 0.15 24.88
N LYS B 163 1.51 0.13 25.99
CA LYS B 163 1.80 1.01 27.11
C LYS B 163 3.17 0.69 27.72
N ASP B 164 3.49 -0.60 27.86
CA ASP B 164 4.78 -0.97 28.43
C ASP B 164 5.92 -0.69 27.47
N ALA B 165 5.69 -0.83 26.16
CA ALA B 165 6.73 -0.52 25.19
C ALA B 165 7.09 0.96 25.20
N ILE B 166 6.07 1.82 25.27
CA ILE B 166 6.30 3.26 25.36
C ILE B 166 7.13 3.58 26.60
N ASP B 167 6.86 2.91 27.72
CA ASP B 167 7.63 3.14 28.93
C ASP B 167 9.12 2.86 28.70
N GLU B 168 9.43 1.72 28.08
CA GLU B 168 10.84 1.39 27.82
C GLU B 168 11.45 2.35 26.81
N ALA B 169 10.68 2.77 25.81
CA ALA B 169 11.20 3.73 24.83
C ALA B 169 11.51 5.08 25.49
N LEU B 170 10.64 5.53 26.39
CA LEU B 170 10.95 6.74 27.16
C LEU B 170 12.15 6.52 28.07
N ARG B 171 12.26 5.32 28.67
CA ARG B 171 13.47 5.00 29.42
C ARG B 171 14.70 5.07 28.55
N ASP B 172 14.60 4.58 27.31
CA ASP B 172 15.71 4.70 26.37
C ASP B 172 16.00 6.16 26.06
N TRP B 173 14.95 6.96 25.86
CA TRP B 173 15.17 8.38 25.56
C TRP B 173 15.84 9.09 26.73
N ILE B 174 15.41 8.79 27.96
CA ILE B 174 15.99 9.44 29.13
C ILE B 174 17.49 9.15 29.21
N THR B 175 17.89 7.90 28.95
CA THR B 175 19.29 7.53 29.08
C THR B 175 20.14 8.17 27.98
N ASN B 176 19.62 8.22 26.75
CA ASN B 176 20.35 8.77 25.61
C ASN B 176 19.67 10.02 25.06
N LEU B 177 19.26 10.95 25.93
CA LEU B 177 18.60 12.16 25.42
C LEU B 177 19.57 13.12 24.73
N GLN B 178 20.83 12.76 24.56
CA GLN B 178 21.78 13.61 23.85
C GLN B 178 21.75 13.40 22.35
N THR B 179 21.67 12.15 21.89
CA THR B 179 21.72 11.84 20.46
C THR B 179 20.45 11.20 19.93
N THR B 180 19.43 10.99 20.77
CA THR B 180 18.25 10.24 20.38
C THR B 180 17.03 11.15 20.40
N TYR B 181 16.23 11.08 19.34
CA TYR B 181 14.95 11.76 19.25
C TYR B 181 13.83 10.74 19.45
N TYR B 182 12.92 11.04 20.38
CA TYR B 182 11.80 10.15 20.66
C TYR B 182 10.62 10.50 19.76
N VAL B 183 10.04 9.49 19.13
CA VAL B 183 8.93 9.67 18.21
C VAL B 183 7.70 9.03 18.83
N PRO B 184 6.73 9.82 19.31
CA PRO B 184 5.47 9.23 19.77
C PRO B 184 4.61 8.81 18.60
N GLY B 185 3.72 7.85 18.87
CA GLY B 185 2.88 7.29 17.83
C GLY B 185 1.56 8.00 17.64
N SER B 186 1.10 8.70 18.67
CA SER B 186 -0.20 9.36 18.63
C SER B 186 -0.08 10.74 19.28
N VAL B 187 -1.22 11.35 19.58
CA VAL B 187 -1.26 12.68 20.17
C VAL B 187 -1.30 12.57 21.69
N VAL B 188 -0.71 11.51 22.22
CA VAL B 188 -0.61 11.30 23.66
C VAL B 188 0.84 11.50 24.07
N GLY B 189 1.04 12.20 25.19
CA GLY B 189 2.37 12.46 25.69
C GLY B 189 2.49 13.87 26.23
N PRO B 190 3.67 14.23 26.71
CA PRO B 190 3.88 15.56 27.27
C PRO B 190 4.02 16.62 26.18
N HIS B 191 3.62 17.83 26.53
CA HIS B 191 3.83 18.97 25.64
C HIS B 191 5.32 19.08 25.30
N PRO B 192 5.66 19.40 24.04
CA PRO B 192 4.80 19.78 22.92
C PRO B 192 4.42 18.63 21.99
N TYR B 193 4.54 17.38 22.41
CA TYR B 193 4.28 16.26 21.50
C TYR B 193 2.85 16.21 20.98
N PRO B 194 1.79 16.41 21.80
CA PRO B 194 0.43 16.37 21.21
C PRO B 194 0.22 17.40 20.11
N ILE B 195 0.79 18.60 20.26
CA ILE B 195 0.62 19.63 19.22
C ILE B 195 1.49 19.30 18.01
N ILE B 196 2.68 18.74 18.24
CA ILE B 196 3.56 18.40 17.12
C ILE B 196 2.93 17.32 16.25
N VAL B 197 2.34 16.30 16.87
CA VAL B 197 1.74 15.22 16.09
C VAL B 197 0.49 15.70 15.37
N ARG B 198 -0.34 16.50 16.05
CA ARG B 198 -1.55 17.00 15.42
C ARG B 198 -1.24 17.93 14.26
N ASN B 199 -0.20 18.76 14.41
CA ASN B 199 0.20 19.65 13.33
C ASN B 199 0.78 18.90 12.15
N PHE B 200 1.27 17.68 12.36
CA PHE B 200 1.74 16.86 11.24
C PHE B 200 0.58 16.09 10.61
N GLN B 201 -0.44 15.74 11.39
CA GLN B 201 -1.55 14.94 10.88
C GLN B 201 -2.69 15.79 10.32
N LYS B 202 -2.72 17.09 10.61
CA LYS B 202 -3.80 17.94 10.11
C LYS B 202 -3.75 18.13 8.61
N VAL B 203 -2.74 17.59 7.92
CA VAL B 203 -2.74 17.59 6.47
C VAL B 203 -3.90 16.77 5.93
N ILE B 204 -4.38 15.80 6.72
CA ILE B 204 -5.54 15.01 6.32
C ILE B 204 -6.78 15.89 6.22
N GLY B 205 -7.07 16.63 7.29
CA GLY B 205 -8.25 17.49 7.28
C GLY B 205 -8.13 18.64 6.31
N GLU B 206 -6.94 19.22 6.18
CA GLU B 206 -6.76 20.32 5.25
C GLU B 206 -6.90 19.86 3.81
N GLU B 207 -6.58 18.59 3.53
CA GLU B 207 -6.85 18.03 2.21
C GLU B 207 -8.33 17.73 2.03
N THR B 208 -8.97 17.15 3.05
CA THR B 208 -10.40 16.86 2.99
C THR B 208 -11.22 18.14 2.85
N LYS B 209 -10.77 19.23 3.47
CA LYS B 209 -11.51 20.48 3.40
C LYS B 209 -11.51 21.06 1.99
N LYS B 210 -10.49 20.76 1.19
CA LYS B 210 -10.39 21.25 -0.17
C LYS B 210 -10.88 20.25 -1.21
N GLN B 211 -11.25 19.04 -0.78
CA GLN B 211 -11.69 17.99 -1.71
C GLN B 211 -13.19 17.80 -1.74
N ILE B 212 -13.85 17.86 -0.59
CA ILE B 212 -15.30 17.65 -0.51
C ILE B 212 -16.09 18.81 -1.12
N PRO B 213 -15.56 20.04 -1.24
CA PRO B 213 -16.30 21.03 -2.03
C PRO B 213 -16.38 20.67 -3.50
N GLU B 214 -15.28 20.19 -4.09
CA GLU B 214 -15.24 19.76 -5.49
C GLU B 214 -16.02 18.46 -5.74
N LYS B 215 -16.78 17.97 -4.77
CA LYS B 215 -17.56 16.76 -4.93
C LYS B 215 -18.99 16.87 -4.47
N GLU B 216 -19.31 17.81 -3.57
CA GLU B 216 -20.66 17.98 -3.07
C GLU B 216 -21.15 19.42 -3.05
N GLY B 217 -20.28 20.41 -3.28
CA GLY B 217 -20.70 21.80 -3.26
C GLY B 217 -20.85 22.36 -1.86
N ARG B 218 -21.28 21.52 -0.92
CA ARG B 218 -21.47 21.90 0.47
C ARG B 218 -20.43 21.20 1.35
N LEU B 219 -20.38 21.61 2.61
CA LEU B 219 -19.54 20.93 3.57
C LEU B 219 -20.20 19.63 4.02
N PRO B 220 -19.41 18.62 4.41
CA PRO B 220 -20.00 17.33 4.77
C PRO B 220 -20.89 17.45 6.00
N ASP B 221 -21.86 16.53 6.10
CA ASP B 221 -22.72 16.52 7.27
C ASP B 221 -22.06 15.79 8.43
N TYR B 222 -21.28 14.74 8.14
CA TYR B 222 -20.60 13.97 9.17
C TYR B 222 -19.15 13.72 8.75
N ILE B 223 -18.27 13.61 9.74
CA ILE B 223 -16.90 13.18 9.54
C ILE B 223 -16.57 12.22 10.69
N VAL B 224 -16.43 10.93 10.36
CA VAL B 224 -16.24 9.88 11.35
C VAL B 224 -14.81 9.38 11.27
N ALA B 225 -14.25 9.04 12.43
CA ALA B 225 -12.88 8.52 12.50
C ALA B 225 -12.72 7.74 13.81
N CYS B 226 -11.92 6.67 13.76
CA CYS B 226 -11.65 5.89 14.94
C CYS B 226 -10.68 6.62 15.86
N VAL B 227 -10.77 6.34 17.16
CA VAL B 227 -10.02 7.09 18.16
C VAL B 227 -9.42 6.11 19.18
N SER B 228 -8.09 6.12 19.30
N SER B 228 -8.09 6.12 19.30
CA SER B 228 -7.42 5.46 20.41
CA SER B 228 -7.41 5.45 20.40
C SER B 228 -6.59 6.50 21.14
C SER B 228 -6.58 6.48 21.15
N GLY B 229 -5.39 6.79 20.63
CA GLY B 229 -4.63 7.92 21.12
C GLY B 229 -5.21 9.17 20.50
N GLY B 230 -5.61 9.07 19.23
CA GLY B 230 -6.36 10.09 18.55
C GLY B 230 -5.64 10.89 17.47
N SER B 231 -4.57 10.34 16.87
CA SER B 231 -3.80 11.13 15.91
C SER B 231 -4.53 11.26 14.58
N ASN B 232 -5.09 10.18 14.06
CA ASN B 232 -5.78 10.26 12.77
C ASN B 232 -7.09 11.02 12.88
N ALA B 233 -7.78 10.92 14.01
CA ALA B 233 -9.02 11.67 14.18
C ALA B 233 -8.73 13.16 14.32
N ALA B 234 -7.76 13.53 15.16
CA ALA B 234 -7.41 14.94 15.31
C ALA B 234 -6.86 15.52 14.02
N GLY B 235 -6.26 14.69 13.16
CA GLY B 235 -5.76 15.20 11.89
C GLY B 235 -6.87 15.63 10.95
N ILE B 236 -7.97 14.87 10.92
CA ILE B 236 -9.08 15.21 10.04
C ILE B 236 -10.12 16.10 10.73
N PHE B 237 -10.10 16.19 12.06
CA PHE B 237 -11.08 16.99 12.78
C PHE B 237 -10.64 18.45 12.94
N TYR B 238 -9.35 18.67 13.18
CA TYR B 238 -8.86 20.01 13.53
C TYR B 238 -9.26 21.10 12.53
N PRO B 239 -9.12 20.92 11.21
CA PRO B 239 -9.56 21.97 10.29
C PRO B 239 -11.08 22.13 10.21
N PHE B 240 -11.85 21.30 10.90
CA PHE B 240 -13.31 21.37 10.88
C PHE B 240 -13.90 21.73 12.23
N ILE B 241 -13.06 22.09 13.21
CA ILE B 241 -13.57 22.46 14.52
C ILE B 241 -14.35 23.77 14.42
N ASP B 242 -15.54 23.79 15.00
CA ASP B 242 -16.43 24.96 14.98
C ASP B 242 -16.77 25.38 13.54
N SER B 243 -17.03 24.39 12.70
CA SER B 243 -17.45 24.63 11.33
C SER B 243 -18.90 24.20 11.06
N GLY B 244 -19.56 23.58 12.03
CA GLY B 244 -20.88 23.04 11.86
C GLY B 244 -20.93 21.58 11.53
N VAL B 245 -19.81 21.00 11.07
CA VAL B 245 -19.78 19.60 10.69
C VAL B 245 -19.85 18.73 11.95
N LYS B 246 -20.68 17.70 11.89
CA LYS B 246 -20.77 16.73 12.99
C LYS B 246 -19.51 15.89 13.02
N LEU B 247 -18.63 16.17 13.99
CA LEU B 247 -17.38 15.44 14.16
C LEU B 247 -17.60 14.33 15.19
N ILE B 248 -17.41 13.08 14.78
CA ILE B 248 -17.66 11.93 15.64
C ILE B 248 -16.40 11.08 15.70
N GLY B 249 -15.91 10.83 16.91
CA GLY B 249 -14.80 9.92 17.13
C GLY B 249 -15.31 8.61 17.72
N VAL B 250 -14.77 7.50 17.22
CA VAL B 250 -15.23 6.17 17.61
C VAL B 250 -14.09 5.45 18.32
N GLU B 251 -14.31 5.10 19.58
CA GLU B 251 -13.34 4.37 20.37
C GLU B 251 -13.61 2.88 20.29
N ALA B 252 -12.69 2.09 20.86
CA ALA B 252 -12.77 0.64 20.78
C ALA B 252 -13.61 0.12 21.94
N GLY B 253 -14.79 -0.42 21.61
CA GLY B 253 -15.66 -1.00 22.62
C GLY B 253 -15.28 -2.40 23.07
N GLY B 254 -14.38 -3.06 22.34
CA GLY B 254 -13.92 -4.38 22.76
C GLY B 254 -15.06 -5.38 22.77
N GLU B 255 -15.15 -6.14 23.86
CA GLU B 255 -16.23 -7.08 24.07
C GLU B 255 -17.50 -6.42 24.57
N GLY B 256 -17.52 -5.09 24.64
CA GLY B 256 -18.66 -4.36 25.18
C GLY B 256 -18.21 -3.28 26.14
N LEU B 257 -18.90 -2.13 26.12
CA LEU B 257 -18.51 -1.01 26.97
C LEU B 257 -18.60 -1.36 28.45
N GLU B 258 -19.56 -2.21 28.82
CA GLU B 258 -19.77 -2.59 30.22
C GLU B 258 -19.23 -3.98 30.52
N THR B 259 -18.11 -4.35 29.91
CA THR B 259 -17.53 -5.66 30.09
C THR B 259 -16.15 -5.64 30.73
N GLY B 260 -15.53 -4.48 30.88
CA GLY B 260 -14.17 -4.41 31.41
C GLY B 260 -13.10 -4.89 30.46
N LYS B 261 -13.44 -5.14 29.19
CA LYS B 261 -12.49 -5.58 28.16
C LYS B 261 -12.70 -4.67 26.96
N HIS B 262 -12.15 -3.46 27.03
CA HIS B 262 -12.34 -2.46 26.00
C HIS B 262 -11.19 -1.47 26.08
N ALA B 263 -11.27 -0.40 25.28
CA ALA B 263 -10.25 0.65 25.29
C ALA B 263 -10.89 2.03 25.10
N ALA B 264 -12.12 2.21 25.58
CA ALA B 264 -12.84 3.47 25.45
C ALA B 264 -12.43 4.37 26.60
N SER B 265 -11.38 5.18 26.37
CA SER B 265 -10.85 6.04 27.42
C SER B 265 -11.79 7.21 27.69
N LEU B 266 -12.29 7.86 26.64
CA LEU B 266 -13.16 9.01 26.82
C LEU B 266 -14.53 8.64 27.36
N LEU B 267 -14.98 7.40 27.16
CA LEU B 267 -16.32 7.01 27.57
C LEU B 267 -16.35 6.39 28.96
N LYS B 268 -15.45 5.46 29.24
CA LYS B 268 -15.44 4.74 30.51
C LYS B 268 -14.22 5.03 31.37
N GLY B 269 -13.33 5.91 30.92
CA GLY B 269 -12.16 6.24 31.70
C GLY B 269 -12.38 7.43 32.62
N LYS B 270 -11.40 7.65 33.50
CA LYS B 270 -11.42 8.74 34.45
C LYS B 270 -10.22 9.64 34.22
N ILE B 271 -10.30 10.87 34.74
CA ILE B 271 -9.22 11.83 34.57
C ILE B 271 -7.98 11.34 35.31
N GLY B 272 -6.82 11.60 34.73
CA GLY B 272 -5.58 11.12 35.33
C GLY B 272 -4.39 11.49 34.47
N TYR B 273 -3.27 10.83 34.75
CA TYR B 273 -2.01 11.10 34.08
C TYR B 273 -1.50 9.83 33.41
N LEU B 274 -1.06 9.94 32.16
CA LEU B 274 -0.49 8.82 31.44
C LEU B 274 0.54 9.34 30.46
N HIS B 275 1.78 8.89 30.61
CA HIS B 275 2.88 9.21 29.68
C HIS B 275 3.08 10.72 29.54
N GLY B 276 2.80 11.48 30.59
CA GLY B 276 3.11 12.89 30.63
C GLY B 276 1.94 13.83 30.41
N SER B 277 0.78 13.32 30.03
CA SER B 277 -0.37 14.16 29.70
C SER B 277 -1.50 13.94 30.70
N LYS B 278 -2.13 15.04 31.10
CA LYS B 278 -3.35 14.98 31.90
C LYS B 278 -4.53 14.76 30.96
N THR B 279 -5.15 13.59 31.04
CA THR B 279 -6.19 13.21 30.10
C THR B 279 -7.03 12.12 30.74
N PHE B 280 -7.86 11.46 29.92
CA PHE B 280 -8.73 10.39 30.40
C PHE B 280 -8.03 9.05 30.21
N VAL B 281 -7.87 8.30 31.30
CA VAL B 281 -7.17 7.03 31.30
C VAL B 281 -8.06 5.99 31.96
N LEU B 282 -8.07 4.78 31.39
CA LEU B 282 -8.78 3.67 32.02
C LEU B 282 -8.09 3.31 33.33
N GLN B 283 -8.84 3.42 34.43
CA GLN B 283 -8.28 3.15 35.75
C GLN B 283 -9.38 2.66 36.68
N ASP B 284 -8.96 2.01 37.76
CA ASP B 284 -9.89 1.51 38.75
C ASP B 284 -10.34 2.66 39.67
N ASP B 285 -11.05 2.32 40.74
CA ASP B 285 -11.48 3.34 41.69
C ASP B 285 -10.35 3.85 42.57
N TRP B 286 -9.18 3.22 42.50
CA TRP B 286 -8.03 3.62 43.33
C TRP B 286 -6.97 4.36 42.52
N GLY B 287 -7.24 4.69 41.27
CA GLY B 287 -6.31 5.45 40.46
C GLY B 287 -5.27 4.64 39.72
N GLN B 288 -5.29 3.32 39.83
CA GLN B 288 -4.33 2.47 39.13
C GLN B 288 -4.80 2.23 37.71
N VAL B 289 -3.89 2.42 36.74
CA VAL B 289 -4.24 2.27 35.34
C VAL B 289 -4.66 0.84 35.05
N GLN B 290 -5.71 0.68 34.24
CA GLN B 290 -6.24 -0.62 33.88
C GLN B 290 -5.78 -1.01 32.49
N ALA B 291 -5.66 -2.33 32.27
CA ALA B 291 -5.30 -2.83 30.96
C ALA B 291 -6.46 -2.71 29.99
N SER B 292 -6.15 -2.36 28.75
CA SER B 292 -7.15 -2.23 27.70
C SER B 292 -7.23 -3.50 26.87
N HIS B 293 -8.32 -3.62 26.11
CA HIS B 293 -8.54 -4.77 25.25
C HIS B 293 -9.26 -4.32 23.99
N SER B 294 -8.94 -4.97 22.87
CA SER B 294 -9.57 -4.68 21.60
C SER B 294 -9.14 -5.75 20.59
N VAL B 295 -10.03 -6.06 19.66
CA VAL B 295 -9.69 -6.98 18.58
C VAL B 295 -8.64 -6.37 17.65
N SER B 296 -8.56 -5.04 17.61
CA SER B 296 -7.54 -4.34 16.82
C SER B 296 -6.43 -3.87 17.74
N ALA B 297 -5.19 -4.23 17.39
CA ALA B 297 -4.05 -3.87 18.23
C ALA B 297 -3.78 -2.37 18.19
N GLY B 298 -4.14 -1.69 17.10
CA GLY B 298 -3.89 -0.27 17.00
C GLY B 298 -4.70 0.55 17.97
N LEU B 299 -5.86 0.04 18.38
CA LEU B 299 -6.72 0.72 19.34
C LEU B 299 -6.53 0.21 20.76
N ASP B 300 -5.59 -0.71 20.98
CA ASP B 300 -5.40 -1.33 22.29
C ASP B 300 -4.46 -0.45 23.13
N TYR B 301 -5.03 0.63 23.66
CA TYR B 301 -4.29 1.61 24.43
C TYR B 301 -5.23 2.20 25.48
N PRO B 302 -4.80 2.30 26.75
CA PRO B 302 -5.72 2.73 27.81
C PRO B 302 -5.94 4.23 27.92
N GLY B 303 -5.27 5.04 27.09
CA GLY B 303 -5.38 6.47 27.17
C GLY B 303 -5.87 7.10 25.87
N VAL B 304 -6.07 8.42 25.94
CA VAL B 304 -6.50 9.21 24.80
C VAL B 304 -5.78 10.55 24.86
N GLY B 305 -5.62 11.18 23.68
CA GLY B 305 -4.97 12.46 23.60
C GLY B 305 -5.70 13.53 24.38
N PRO B 306 -4.95 14.47 24.97
CA PRO B 306 -5.60 15.53 25.76
C PRO B 306 -6.48 16.45 24.93
N GLU B 307 -6.13 16.69 23.67
CA GLU B 307 -6.95 17.56 22.83
C GLU B 307 -8.32 16.93 22.57
N HIS B 308 -8.41 15.60 22.59
CA HIS B 308 -9.71 14.95 22.44
C HIS B 308 -10.53 15.07 23.71
N ALA B 309 -9.87 15.03 24.87
CA ALA B 309 -10.58 15.24 26.12
C ALA B 309 -11.15 16.65 26.21
N TYR B 310 -10.42 17.63 25.65
CA TYR B 310 -10.92 19.00 25.61
C TYR B 310 -12.05 19.15 24.60
N TRP B 311 -11.93 18.49 23.45
CA TRP B 311 -12.98 18.56 22.43
C TRP B 311 -14.27 17.93 22.93
N ARG B 312 -14.17 16.82 23.66
CA ARG B 312 -15.37 16.16 24.17
C ARG B 312 -16.07 17.01 25.21
N GLU B 313 -15.30 17.68 26.08
CA GLU B 313 -15.90 18.48 27.14
C GLU B 313 -16.61 19.70 26.58
N THR B 314 -15.96 20.42 25.67
CA THR B 314 -16.55 21.61 25.06
C THR B 314 -17.50 21.28 23.92
N GLY B 315 -17.75 20.00 23.65
CA GLY B 315 -18.78 19.63 22.69
C GLY B 315 -18.44 19.90 21.24
N LYS B 316 -17.17 20.17 20.93
CA LYS B 316 -16.78 20.36 19.54
C LYS B 316 -16.70 19.05 18.76
N VAL B 317 -16.50 17.93 19.45
CA VAL B 317 -16.50 16.60 18.84
C VAL B 317 -17.31 15.67 19.72
N LEU B 318 -18.14 14.82 19.10
CA LEU B 318 -18.86 13.78 19.80
C LEU B 318 -18.08 12.47 19.73
N TYR B 319 -18.30 11.60 20.72
CA TYR B 319 -17.53 10.38 20.83
C TYR B 319 -18.42 9.21 21.22
N ASP B 320 -18.16 8.06 20.61
CA ASP B 320 -18.91 6.83 20.86
C ASP B 320 -17.94 5.66 20.71
N ALA B 321 -18.47 4.44 20.72
CA ALA B 321 -17.65 3.25 20.59
C ALA B 321 -18.48 2.11 20.00
N VAL B 322 -17.78 1.19 19.34
CA VAL B 322 -18.41 0.02 18.73
C VAL B 322 -17.67 -1.24 19.19
N THR B 323 -18.37 -2.37 19.11
CA THR B 323 -17.88 -3.64 19.63
C THR B 323 -16.97 -4.32 18.60
N ASP B 324 -16.04 -5.14 19.10
CA ASP B 324 -15.20 -5.99 18.25
C ASP B 324 -16.00 -6.65 17.14
N GLU B 325 -17.13 -7.28 17.48
CA GLU B 325 -17.94 -7.97 16.49
C GLU B 325 -18.44 -6.99 15.43
N GLU B 326 -18.74 -5.76 15.83
CA GLU B 326 -19.24 -4.78 14.87
C GLU B 326 -18.12 -4.27 13.97
N ALA B 327 -16.91 -4.18 14.49
CA ALA B 327 -15.77 -3.80 13.66
C ALA B 327 -15.44 -4.89 12.65
N LEU B 328 -15.60 -6.16 13.05
CA LEU B 328 -15.40 -7.27 12.12
C LEU B 328 -16.42 -7.26 11.01
N ASP B 329 -17.66 -6.84 11.31
CA ASP B 329 -18.68 -6.74 10.27
C ASP B 329 -18.33 -5.66 9.26
N ALA B 330 -17.89 -4.49 9.74
CA ALA B 330 -17.47 -3.42 8.84
C ALA B 330 -16.23 -3.83 8.05
N PHE B 331 -15.34 -4.60 8.68
CA PHE B 331 -14.18 -5.12 7.97
C PHE B 331 -14.60 -5.97 6.78
N ILE B 332 -15.50 -6.92 7.01
CA ILE B 332 -15.97 -7.78 5.93
C ILE B 332 -16.81 -6.99 4.94
N GLU B 333 -17.59 -6.02 5.43
CA GLU B 333 -18.52 -5.29 4.58
C GLU B 333 -17.80 -4.50 3.50
N LEU B 334 -16.80 -3.69 3.89
CA LEU B 334 -16.10 -2.87 2.91
C LEU B 334 -15.28 -3.72 1.95
N SER B 335 -14.74 -4.85 2.42
CA SER B 335 -14.01 -5.73 1.53
C SER B 335 -14.91 -6.32 0.45
N ARG B 336 -16.10 -6.78 0.85
CA ARG B 336 -17.03 -7.38 -0.10
C ARG B 336 -17.67 -6.34 -1.00
N LEU B 337 -18.04 -5.19 -0.43
CA LEU B 337 -18.84 -4.22 -1.17
C LEU B 337 -17.98 -3.32 -2.06
N GLU B 338 -16.80 -2.92 -1.59
CA GLU B 338 -15.97 -1.97 -2.31
C GLU B 338 -14.63 -2.53 -2.73
N GLY B 339 -14.29 -3.76 -2.35
CA GLY B 339 -12.98 -4.29 -2.69
C GLY B 339 -11.84 -3.62 -1.96
N ILE B 340 -12.11 -2.96 -0.83
CA ILE B 340 -11.09 -2.29 -0.03
C ILE B 340 -11.07 -2.97 1.32
N ILE B 341 -9.97 -3.62 1.64
CA ILE B 341 -9.80 -4.27 2.95
C ILE B 341 -9.34 -3.20 3.94
N PRO B 342 -10.20 -2.79 4.87
CA PRO B 342 -9.83 -1.71 5.79
C PRO B 342 -9.14 -2.23 7.04
N ALA B 343 -8.38 -1.34 7.66
CA ALA B 343 -7.77 -1.66 8.94
C ALA B 343 -8.84 -1.91 9.99
N LEU B 344 -8.57 -2.86 10.90
CA LEU B 344 -9.51 -3.13 11.98
C LEU B 344 -9.72 -1.91 12.85
N GLU B 345 -8.72 -1.03 12.92
CA GLU B 345 -8.89 0.26 13.60
C GLU B 345 -9.92 1.11 12.86
N SER B 346 -9.70 1.34 11.56
CA SER B 346 -10.64 2.12 10.77
C SER B 346 -11.99 1.43 10.64
N SER B 347 -12.04 0.11 10.83
CA SER B 347 -13.31 -0.61 10.78
C SER B 347 -14.25 -0.20 11.90
N HIS B 348 -13.72 0.33 13.01
CA HIS B 348 -14.58 0.85 14.05
C HIS B 348 -15.36 2.07 13.58
N ALA B 349 -14.74 2.90 12.73
CA ALA B 349 -15.44 4.05 12.19
C ALA B 349 -16.45 3.65 11.13
N LEU B 350 -16.12 2.65 10.31
CA LEU B 350 -17.06 2.18 9.30
C LEU B 350 -18.28 1.53 9.95
N ALA B 351 -18.08 0.83 11.07
CA ALA B 351 -19.19 0.21 11.77
C ALA B 351 -20.16 1.24 12.34
N TYR B 352 -19.71 2.48 12.55
CA TYR B 352 -20.59 3.52 13.07
C TYR B 352 -21.60 4.01 12.06
N LEU B 353 -21.46 3.63 10.79
CA LEU B 353 -22.46 3.99 9.79
C LEU B 353 -23.81 3.33 10.05
N LYS B 354 -23.85 2.30 10.90
CA LYS B 354 -25.09 1.64 11.28
C LYS B 354 -25.72 2.21 12.54
N LYS B 355 -25.05 3.14 13.23
CA LYS B 355 -25.52 3.65 14.51
C LYS B 355 -26.07 5.06 14.44
N ILE B 356 -26.16 5.64 13.23
CA ILE B 356 -26.66 6.98 13.04
C ILE B 356 -27.47 7.04 11.75
N ASN B 357 -28.40 7.98 11.70
CA ASN B 357 -29.24 8.17 10.52
C ASN B 357 -28.51 9.03 9.51
N ILE B 358 -28.20 8.45 8.34
CA ILE B 358 -27.41 9.13 7.32
C ILE B 358 -28.16 9.24 6.00
N LYS B 359 -29.44 8.88 5.99
CA LYS B 359 -30.25 8.94 4.76
C LYS B 359 -30.27 10.36 4.19
N GLY B 360 -29.60 10.55 3.06
CA GLY B 360 -29.51 11.86 2.44
C GLY B 360 -28.38 12.73 2.95
N LYS B 361 -27.55 12.23 3.87
CA LYS B 361 -26.47 13.00 4.47
C LYS B 361 -25.15 12.63 3.82
N VAL B 362 -24.29 13.63 3.65
CA VAL B 362 -22.94 13.41 3.11
C VAL B 362 -22.01 13.10 4.27
N VAL B 363 -21.35 11.95 4.20
CA VAL B 363 -20.50 11.46 5.29
C VAL B 363 -19.10 11.22 4.75
N VAL B 364 -18.10 11.57 5.54
CA VAL B 364 -16.69 11.35 5.21
C VAL B 364 -16.09 10.50 6.31
N VAL B 365 -15.69 9.28 5.98
CA VAL B 365 -15.07 8.36 6.92
C VAL B 365 -13.56 8.36 6.68
N ASN B 366 -12.80 8.44 7.77
CA ASN B 366 -11.33 8.45 7.68
C ASN B 366 -10.84 7.02 7.67
N LEU B 367 -10.48 6.53 6.49
CA LEU B 367 -9.88 5.19 6.33
C LEU B 367 -8.42 5.31 6.70
N SER B 368 -8.12 5.10 7.98
CA SER B 368 -6.79 5.41 8.50
C SER B 368 -5.71 4.50 7.95
N GLY B 369 -6.06 3.29 7.54
CA GLY B 369 -5.05 2.38 7.01
C GLY B 369 -5.66 1.16 6.37
N ARG B 370 -4.80 0.41 5.69
CA ARG B 370 -5.21 -0.83 5.05
C ARG B 370 -5.23 -1.97 6.05
N GLY B 371 -6.04 -2.99 5.77
CA GLY B 371 -6.27 -4.05 6.73
C GLY B 371 -5.75 -5.42 6.34
N ASP B 372 -4.77 -5.47 5.44
CA ASP B 372 -4.14 -6.74 5.12
C ASP B 372 -3.44 -7.32 6.35
N LYS B 373 -2.96 -6.46 7.24
CA LYS B 373 -2.32 -6.91 8.48
C LYS B 373 -3.29 -7.67 9.39
N ASP B 374 -4.59 -7.45 9.24
CA ASP B 374 -5.59 -8.00 10.15
C ASP B 374 -6.30 -9.22 9.58
N LEU B 375 -5.87 -9.72 8.41
CA LEU B 375 -6.58 -10.81 7.75
C LEU B 375 -6.61 -12.07 8.62
N GLU B 376 -5.46 -12.43 9.19
CA GLU B 376 -5.40 -13.62 10.02
C GLU B 376 -6.22 -13.47 11.29
N SER B 377 -6.21 -12.28 11.88
CA SER B 377 -6.95 -12.05 13.12
C SER B 377 -8.46 -12.11 12.89
N VAL B 378 -8.92 -11.52 11.77
CA VAL B 378 -10.35 -11.51 11.49
C VAL B 378 -10.87 -12.91 11.21
N LEU B 379 -10.14 -13.69 10.40
CA LEU B 379 -10.63 -14.99 9.98
C LEU B 379 -10.58 -16.01 11.11
N ASN B 380 -9.60 -15.92 12.00
CA ASN B 380 -9.48 -16.86 13.11
C ASN B 380 -10.30 -16.43 14.33
N HIS B 381 -11.00 -15.31 14.26
CA HIS B 381 -11.83 -14.90 15.37
C HIS B 381 -13.07 -15.81 15.45
N PRO B 382 -13.49 -16.19 16.65
CA PRO B 382 -14.66 -17.10 16.76
C PRO B 382 -15.94 -16.51 16.19
N TYR B 383 -16.09 -15.18 16.21
CA TYR B 383 -17.30 -14.57 15.66
C TYR B 383 -17.36 -14.73 14.15
N VAL B 384 -16.22 -14.64 13.47
CA VAL B 384 -16.20 -14.77 12.02
C VAL B 384 -16.15 -16.23 11.61
N ARG B 385 -15.47 -17.08 12.39
CA ARG B 385 -15.38 -18.49 12.05
C ARG B 385 -16.76 -19.16 12.05
N GLU B 386 -17.69 -18.66 12.86
CA GLU B 386 -19.04 -19.24 12.88
C GLU B 386 -19.77 -18.94 11.58
N ARG B 387 -19.75 -17.69 11.14
CA ARG B 387 -20.42 -17.30 9.89
C ARG B 387 -19.55 -17.68 8.68
K K C . 9.39 -14.49 -19.26
C1 EDO D . 18.99 -22.11 -22.01
O1 EDO D . 17.71 -21.58 -21.63
C2 EDO D . 19.68 -22.68 -20.78
O2 EDO D . 19.82 -21.65 -19.79
C1 EDO E . 1.43 -13.51 -36.98
O1 EDO E . 1.73 -12.67 -35.85
C2 EDO E . 0.16 -14.30 -36.71
O2 EDO E . 0.33 -15.11 -35.53
P PO4 F . 1.03 -13.70 -10.15
O1 PO4 F . -0.37 -13.35 -10.65
O2 PO4 F . 0.98 -13.88 -8.65
O3 PO4 F . 1.50 -14.98 -10.79
O4 PO4 F . 1.97 -12.57 -10.49
K K G . -7.85 4.47 24.33
C1 EDO H . 3.97 8.74 23.65
O1 EDO H . 3.74 9.03 25.04
C2 EDO H . 3.22 7.46 23.27
O2 EDO H . 3.42 7.18 21.88
P PO4 I . 0.98 -0.12 17.29
O1 PO4 I . -0.24 0.50 16.65
O2 PO4 I . 0.68 -0.40 18.74
O3 PO4 I . 1.31 -1.41 16.59
O4 PO4 I . 2.14 0.83 17.19
#